data_7ZGG
#
_entry.id   7ZGG
#
_cell.length_a   68.887
_cell.length_b   86.910
_cell.length_c   70.540
_cell.angle_alpha   90.000
_cell.angle_beta   97.928
_cell.angle_gamma   90.000
#
_symmetry.space_group_name_H-M   'P 1 21 1'
#
loop_
_entity.id
_entity.type
_entity.pdbx_description
1 polymer 'Multiple inositol-polyphosphate phosphatase'
2 non-polymer 'PHOSPHATE ION'
3 non-polymer GLYCEROL
4 water water
#
_entity_poly.entity_id   1
_entity_poly.type   'polypeptide(L)'
_entity_poly.pdbx_seq_one_letter_code
;GPMETAQYSTSKTPYSPQQDIRTYQPPPPGFTAVFTELVSRHGSRTPTKIDGADLLLQLWAKARDESELTSAGQDFGPTM
ESYRAAIQKVGLGQETGRGRQELQGMADRMQRRLPELFEKIKKDATPIAVVLSQQTGRIADTAKFFTARLGATDPALAPL
IQQPVVDQDLLYFHKTERGKAYRDYLENDQRYQETVKRIKNRDGTREAATDILKTIFTPAFVERMEPSAVTKAAQALYDL
DAIAPDLSVEGNWHLDRFVPRHAAAWFASIDDAKSFYKKGPGFEGSDITFAMASILLDDFFKQAEAARAGKLGADLRFTH
AEEIIPLAALMQLPGSEKQADPDEDYTYANNPWRGASVSPMAANLQWDIYRNGTTYLVRMLYQEKEIPFKPDCTPFTPGS
HYYRLDELSRCFGRTAR
;
_entity_poly.pdbx_strand_id   A,B
#
# COMPACT_ATOMS: atom_id res chain seq x y z
N GLU A 4 -4.99 -8.44 -2.90
CA GLU A 4 -3.86 -8.88 -3.71
C GLU A 4 -4.22 -10.06 -4.62
N THR A 5 -4.15 -9.81 -5.92
CA THR A 5 -4.50 -10.84 -6.88
C THR A 5 -3.33 -11.76 -7.19
N ALA A 6 -2.11 -11.33 -6.86
CA ALA A 6 -0.88 -12.04 -7.20
C ALA A 6 0.25 -11.31 -6.50
N GLN A 7 1.28 -12.05 -6.10
CA GLN A 7 2.37 -11.41 -5.36
C GLN A 7 3.59 -11.08 -6.21
N TYR A 8 3.90 -11.89 -7.21
CA TYR A 8 5.14 -11.78 -7.94
C TYR A 8 4.89 -11.74 -9.45
N SER A 9 3.78 -11.13 -9.88
CA SER A 9 3.41 -11.15 -11.27
C SER A 9 3.68 -9.84 -12.00
N THR A 10 4.26 -8.83 -11.33
CA THR A 10 4.51 -7.50 -11.89
C THR A 10 3.38 -7.06 -12.82
N SER A 11 3.66 -6.76 -14.09
CA SER A 11 2.65 -6.22 -15.03
CA SER A 11 2.60 -6.21 -14.93
C SER A 11 1.63 -7.25 -15.48
N LYS A 12 1.73 -8.51 -15.05
CA LYS A 12 0.73 -9.50 -15.32
C LYS A 12 -0.26 -9.62 -14.18
N THR A 13 -0.04 -8.86 -13.12
CA THR A 13 -0.93 -8.91 -11.97
C THR A 13 -2.36 -8.58 -12.40
N PRO A 14 -3.33 -9.44 -12.11
CA PRO A 14 -4.72 -9.11 -12.45
C PRO A 14 -5.20 -7.88 -11.69
N TYR A 15 -6.22 -7.24 -12.25
CA TYR A 15 -6.70 -5.98 -11.72
C TYR A 15 -7.51 -6.19 -10.45
N SER A 16 -7.41 -5.21 -9.56
CA SER A 16 -8.23 -5.07 -8.38
CA SER A 16 -8.24 -5.08 -8.38
C SER A 16 -8.38 -3.58 -8.11
N PRO A 17 -9.60 -3.06 -8.00
CA PRO A 17 -9.75 -1.65 -7.62
C PRO A 17 -9.13 -1.45 -6.25
N GLN A 18 -8.50 -0.29 -6.07
CA GLN A 18 -7.67 -0.03 -4.89
C GLN A 18 -8.37 0.84 -3.85
N GLN A 19 -9.68 1.07 -4.00
CA GLN A 19 -10.46 1.80 -3.02
C GLN A 19 -11.91 1.45 -3.23
N ASP A 20 -12.66 1.43 -2.13
CA ASP A 20 -14.11 1.28 -2.19
C ASP A 20 -14.74 2.62 -2.54
N ILE A 21 -15.68 2.63 -3.49
CA ILE A 21 -16.18 3.92 -3.95
C ILE A 21 -16.97 4.64 -2.88
N ARG A 22 -17.43 3.94 -1.85
CA ARG A 22 -18.16 4.63 -0.82
C ARG A 22 -17.25 5.46 0.08
N THR A 23 -15.93 5.34 -0.09
CA THR A 23 -14.99 6.08 0.75
C THR A 23 -14.27 7.18 -0.02
N TYR A 24 -14.64 7.43 -1.27
CA TYR A 24 -14.10 8.60 -1.95
C TYR A 24 -14.57 9.87 -1.23
N GLN A 25 -13.79 10.92 -1.34
CA GLN A 25 -14.25 12.21 -0.82
C GLN A 25 -15.47 12.64 -1.63
N PRO A 26 -16.54 13.10 -0.97
CA PRO A 26 -17.68 13.61 -1.72
C PRO A 26 -17.35 14.94 -2.37
N PRO A 27 -18.03 15.28 -3.46
CA PRO A 27 -17.79 16.58 -4.09
C PRO A 27 -18.26 17.70 -3.17
N PRO A 28 -17.67 18.89 -3.30
CA PRO A 28 -18.11 20.01 -2.46
C PRO A 28 -19.55 20.36 -2.74
N PRO A 29 -20.25 20.93 -1.78
CA PRO A 29 -21.69 21.23 -1.95
C PRO A 29 -21.97 22.02 -3.23
N GLY A 30 -23.03 21.63 -3.93
CA GLY A 30 -23.44 22.30 -5.15
C GLY A 30 -22.71 21.87 -6.41
N PHE A 31 -21.75 20.96 -6.30
CA PHE A 31 -21.01 20.46 -7.44
C PHE A 31 -21.63 19.15 -7.89
N THR A 32 -21.84 19.00 -9.19
CA THR A 32 -22.50 17.83 -9.76
C THR A 32 -21.68 17.38 -10.96
N ALA A 33 -21.64 16.06 -11.17
CA ALA A 33 -20.80 15.50 -12.21
C ALA A 33 -21.33 15.85 -13.59
N VAL A 34 -20.43 16.30 -14.49
CA VAL A 34 -20.82 16.72 -15.83
C VAL A 34 -19.97 16.03 -16.91
N PHE A 35 -18.90 15.34 -16.51
CA PHE A 35 -18.02 14.69 -17.49
C PHE A 35 -17.17 13.63 -16.79
N THR A 36 -16.83 12.56 -17.51
CA THR A 36 -15.80 11.65 -17.02
C THR A 36 -15.01 11.14 -18.21
N GLU A 37 -13.75 10.80 -17.94
CA GLU A 37 -12.89 10.30 -19.00
C GLU A 37 -11.92 9.30 -18.41
N LEU A 38 -11.53 8.34 -19.23
CA LEU A 38 -10.82 7.16 -18.78
C LEU A 38 -9.78 6.80 -19.82
N VAL A 39 -8.65 6.29 -19.36
CA VAL A 39 -7.77 5.50 -20.20
C VAL A 39 -7.44 4.22 -19.44
N SER A 40 -7.59 3.08 -20.11
CA SER A 40 -7.40 1.79 -19.46
C SER A 40 -6.61 0.87 -20.37
N ARG A 41 -5.65 0.17 -19.75
CA ARG A 41 -5.07 -0.99 -20.39
C ARG A 41 -6.13 -2.07 -20.58
N HIS A 42 -5.90 -2.96 -21.56
CA HIS A 42 -6.72 -4.15 -21.71
C HIS A 42 -6.73 -4.92 -20.39
N GLY A 43 -7.72 -5.80 -20.23
CA GLY A 43 -7.79 -6.62 -19.05
C GLY A 43 -6.89 -7.82 -19.15
N SER A 44 -6.96 -8.66 -18.13
CA SER A 44 -6.15 -9.87 -18.05
C SER A 44 -6.22 -10.66 -19.35
N ARG A 45 -5.11 -11.32 -19.70
CA ARG A 45 -4.96 -11.93 -21.01
C ARG A 45 -4.11 -13.18 -20.88
N THR A 46 -4.07 -13.94 -21.98
CA THR A 46 -3.17 -15.08 -22.08
C THR A 46 -1.77 -14.61 -22.49
N PRO A 47 -0.78 -15.48 -22.37
CA PRO A 47 0.56 -15.19 -22.92
C PRO A 47 0.49 -14.90 -24.40
N THR A 48 1.47 -14.15 -24.91
CA THR A 48 1.47 -13.85 -26.35
C THR A 48 2.16 -14.96 -27.15
N LYS A 49 2.96 -15.80 -26.49
CA LYS A 49 3.65 -16.90 -27.15
C LYS A 49 3.51 -18.17 -26.33
N ILE A 50 3.43 -19.31 -27.03
CA ILE A 50 3.31 -20.60 -26.38
C ILE A 50 4.64 -21.33 -26.28
N ASP A 51 5.71 -20.81 -26.89
CA ASP A 51 6.96 -21.57 -27.03
C ASP A 51 7.53 -21.96 -25.68
N GLY A 52 7.34 -21.14 -24.64
CA GLY A 52 7.88 -21.49 -23.34
C GLY A 52 7.22 -22.73 -22.76
N ALA A 53 5.91 -22.87 -22.97
CA ALA A 53 5.23 -24.08 -22.51
C ALA A 53 5.76 -25.31 -23.23
N ASP A 54 6.03 -25.20 -24.52
CA ASP A 54 6.55 -26.35 -25.26
C ASP A 54 7.98 -26.69 -24.87
N LEU A 55 8.81 -25.66 -24.65
CA LEU A 55 10.15 -25.90 -24.13
C LEU A 55 10.12 -26.70 -22.84
N LEU A 56 9.25 -26.30 -21.92
CA LEU A 56 9.15 -27.03 -20.66
C LEU A 56 8.58 -28.43 -20.85
N LEU A 57 7.60 -28.57 -21.74
CA LEU A 57 7.02 -29.89 -21.98
C LEU A 57 8.02 -30.81 -22.66
N GLN A 58 8.86 -30.26 -23.54
CA GLN A 58 9.90 -31.09 -24.14
C GLN A 58 10.95 -31.49 -23.09
N LEU A 59 11.35 -30.56 -22.23
CA LEU A 59 12.32 -30.91 -21.19
C LEU A 59 11.74 -31.94 -20.24
N TRP A 60 10.48 -31.75 -19.85
CA TRP A 60 9.81 -32.69 -18.96
C TRP A 60 9.76 -34.10 -19.57
N ALA A 61 9.46 -34.19 -20.88
CA ALA A 61 9.35 -35.52 -21.48
C ALA A 61 10.69 -36.25 -21.47
N LYS A 62 11.79 -35.51 -21.64
CA LYS A 62 13.12 -36.11 -21.59
C LYS A 62 13.45 -36.60 -20.18
N ALA A 63 13.19 -35.78 -19.16
CA ALA A 63 13.42 -36.22 -17.79
C ALA A 63 12.52 -37.39 -17.42
N ARG A 64 11.27 -37.37 -17.88
CA ARG A 64 10.39 -38.51 -17.66
C ARG A 64 11.03 -39.78 -18.22
N ASP A 65 11.56 -39.70 -19.44
CA ASP A 65 12.11 -40.92 -20.05
C ASP A 65 13.40 -41.36 -19.36
N GLU A 66 14.13 -40.42 -18.77
CA GLU A 66 15.35 -40.73 -18.05
C GLU A 66 15.09 -41.11 -16.60
N SER A 67 13.82 -41.13 -16.18
CA SER A 67 13.45 -41.38 -14.78
C SER A 67 14.08 -40.35 -13.84
N GLU A 68 14.10 -39.09 -14.27
CA GLU A 68 14.72 -38.02 -13.47
C GLU A 68 13.71 -36.99 -12.98
N LEU A 69 12.48 -37.42 -12.72
CA LEU A 69 11.44 -36.55 -12.19
C LEU A 69 11.40 -36.63 -10.68
N THR A 70 11.11 -35.51 -10.04
CA THR A 70 10.74 -35.54 -8.64
C THR A 70 9.32 -36.06 -8.48
N SER A 71 8.95 -36.31 -7.22
CA SER A 71 7.59 -36.74 -6.91
C SER A 71 6.55 -35.76 -7.45
N ALA A 72 6.71 -34.47 -7.12
CA ALA A 72 5.81 -33.45 -7.66
C ALA A 72 5.98 -33.30 -9.17
N GLY A 73 7.19 -33.53 -9.67
CA GLY A 73 7.43 -33.38 -11.09
C GLY A 73 6.63 -34.35 -11.94
N GLN A 74 6.21 -35.47 -11.34
CA GLN A 74 5.35 -36.41 -12.04
C GLN A 74 4.12 -35.71 -12.62
N ASP A 75 3.57 -34.75 -11.89
CA ASP A 75 2.34 -34.10 -12.33
C ASP A 75 2.60 -32.89 -13.22
N PHE A 76 3.86 -32.55 -13.48
CA PHE A 76 4.10 -31.34 -14.25
C PHE A 76 3.62 -31.48 -15.69
N GLY A 77 3.93 -32.62 -16.33
CA GLY A 77 3.52 -32.86 -17.70
C GLY A 77 2.03 -32.67 -17.90
N PRO A 78 1.22 -33.43 -17.15
CA PRO A 78 -0.24 -33.28 -17.29
C PRO A 78 -0.72 -31.88 -16.94
N THR A 79 -0.09 -31.23 -15.96
CA THR A 79 -0.51 -29.88 -15.59
C THR A 79 -0.24 -28.90 -16.72
N MET A 80 0.98 -28.93 -17.28
CA MET A 80 1.31 -27.99 -18.34
C MET A 80 0.61 -28.28 -19.65
N GLU A 81 0.33 -29.55 -19.96
CA GLU A 81 -0.47 -29.85 -21.14
C GLU A 81 -1.88 -29.27 -21.02
N SER A 82 -2.48 -29.40 -19.84
CA SER A 82 -3.80 -28.84 -19.61
C SER A 82 -3.77 -27.33 -19.70
N TYR A 83 -2.76 -26.71 -19.09
CA TYR A 83 -2.63 -25.26 -19.12
C TYR A 83 -2.38 -24.76 -20.53
N ARG A 84 -1.50 -25.44 -21.26
CA ARG A 84 -1.27 -25.09 -22.65
C ARG A 84 -2.56 -25.12 -23.46
N ALA A 85 -3.35 -26.18 -23.31
CA ALA A 85 -4.59 -26.28 -24.07
C ALA A 85 -5.56 -25.16 -23.71
N ALA A 86 -5.65 -24.78 -22.44
CA ALA A 86 -6.55 -23.69 -22.07
C ALA A 86 -6.08 -22.39 -22.70
N ILE A 87 -4.77 -22.14 -22.70
CA ILE A 87 -4.24 -20.93 -23.32
C ILE A 87 -4.59 -20.91 -24.81
N GLN A 88 -4.41 -22.04 -25.49
CA GLN A 88 -4.66 -22.06 -26.92
C GLN A 88 -6.14 -21.95 -27.25
N LYS A 89 -7.01 -22.42 -26.35
CA LYS A 89 -8.45 -22.30 -26.56
C LYS A 89 -8.92 -20.85 -26.46
N VAL A 90 -8.41 -20.12 -25.46
CA VAL A 90 -8.68 -18.68 -25.41
C VAL A 90 -8.02 -17.98 -26.59
N GLY A 91 -6.83 -18.42 -26.97
CA GLY A 91 -6.10 -17.75 -28.02
C GLY A 91 -4.98 -16.94 -27.41
N LEU A 92 -3.80 -17.01 -28.02
CA LEU A 92 -2.66 -16.25 -27.52
C LEU A 92 -2.92 -14.73 -27.58
N GLY A 93 -2.51 -14.03 -26.53
CA GLY A 93 -2.66 -12.59 -26.46
C GLY A 93 -4.10 -12.08 -26.41
N GLN A 94 -5.04 -12.93 -26.03
CA GLN A 94 -6.45 -12.57 -26.04
C GLN A 94 -6.94 -12.37 -24.62
N GLU A 95 -8.08 -11.71 -24.50
CA GLU A 95 -8.69 -11.48 -23.20
C GLU A 95 -9.20 -12.78 -22.59
N THR A 96 -8.98 -12.93 -21.28
CA THR A 96 -9.52 -14.08 -20.56
C THR A 96 -10.86 -13.72 -19.94
N GLY A 97 -11.50 -14.71 -19.30
CA GLY A 97 -12.74 -14.42 -18.60
C GLY A 97 -12.54 -13.44 -17.45
N ARG A 98 -11.39 -13.50 -16.79
CA ARG A 98 -11.10 -12.52 -15.74
C ARG A 98 -10.99 -11.12 -16.31
N GLY A 99 -10.36 -10.98 -17.48
CA GLY A 99 -10.26 -9.67 -18.11
C GLY A 99 -11.63 -9.09 -18.41
N ARG A 100 -12.55 -9.92 -18.87
CA ARG A 100 -13.94 -9.48 -19.05
C ARG A 100 -14.55 -9.02 -17.74
N GLN A 101 -14.39 -9.82 -16.68
CA GLN A 101 -14.91 -9.44 -15.37
C GLN A 101 -14.31 -8.14 -14.87
N GLU A 102 -13.01 -7.92 -15.14
CA GLU A 102 -12.34 -6.69 -14.70
C GLU A 102 -13.01 -5.46 -15.31
N LEU A 103 -13.17 -5.46 -16.64
CA LEU A 103 -13.73 -4.29 -17.30
C LEU A 103 -15.21 -4.12 -16.93
N GLN A 104 -15.93 -5.22 -16.75
CA GLN A 104 -17.31 -5.10 -16.31
C GLN A 104 -17.37 -4.41 -14.96
N GLY A 105 -16.50 -4.83 -14.03
CA GLY A 105 -16.44 -4.17 -12.73
C GLY A 105 -16.14 -2.69 -12.82
N MET A 106 -15.17 -2.31 -13.65
CA MET A 106 -14.87 -0.89 -13.81
C MET A 106 -16.08 -0.13 -14.38
N ALA A 107 -16.82 -0.73 -15.31
CA ALA A 107 -18.02 -0.07 -15.81
C ALA A 107 -19.06 0.05 -14.71
N ASP A 108 -19.26 -1.03 -13.93
CA ASP A 108 -20.20 -0.97 -12.82
C ASP A 108 -19.86 0.18 -11.89
N ARG A 109 -18.60 0.30 -11.49
CA ARG A 109 -18.30 1.31 -10.47
C ARG A 109 -18.37 2.72 -11.04
N MET A 110 -18.07 2.90 -12.32
CA MET A 110 -18.27 4.21 -12.93
C MET A 110 -19.74 4.61 -12.88
N GLN A 111 -20.64 3.72 -13.29
CA GLN A 111 -22.06 4.07 -13.24
C GLN A 111 -22.54 4.30 -11.81
N ARG A 112 -22.03 3.53 -10.84
CA ARG A 112 -22.51 3.71 -9.47
C ARG A 112 -21.92 4.97 -8.83
N ARG A 113 -20.73 5.37 -9.27
CA ARG A 113 -20.02 6.55 -8.76
C ARG A 113 -20.60 7.85 -9.29
N LEU A 114 -21.14 7.84 -10.51
CA LEU A 114 -21.57 9.06 -11.21
C LEU A 114 -22.98 8.91 -11.75
N PRO A 115 -23.93 8.48 -10.93
CA PRO A 115 -25.29 8.30 -11.46
C PRO A 115 -25.86 9.58 -12.03
N GLU A 116 -25.52 10.72 -11.44
CA GLU A 116 -26.03 11.99 -11.92
C GLU A 116 -25.48 12.32 -13.30
N LEU A 117 -24.24 11.92 -13.58
CA LEU A 117 -23.67 12.20 -14.90
C LEU A 117 -24.44 11.45 -15.99
N PHE A 118 -24.68 10.16 -15.77
CA PHE A 118 -25.33 9.36 -16.81
C PHE A 118 -26.78 9.77 -17.01
N GLU A 119 -27.42 10.31 -15.99
CA GLU A 119 -28.74 10.90 -16.21
C GLU A 119 -28.63 12.12 -17.12
N LYS A 120 -27.63 12.96 -16.84
CA LYS A 120 -27.43 14.16 -17.65
C LYS A 120 -27.06 13.79 -19.09
N ILE A 121 -26.31 12.72 -19.27
CA ILE A 121 -25.91 12.33 -20.63
C ILE A 121 -27.14 11.93 -21.44
N LYS A 122 -28.06 11.18 -20.81
CA LYS A 122 -29.30 10.81 -21.48
C LYS A 122 -30.22 12.01 -21.66
N LYS A 123 -30.28 12.89 -20.65
CA LYS A 123 -31.03 14.13 -20.78
C LYS A 123 -30.54 14.96 -21.99
N ASP A 124 -29.22 15.15 -22.11
CA ASP A 124 -28.63 15.97 -23.17
C ASP A 124 -28.43 15.24 -24.49
N ALA A 125 -28.52 13.91 -24.51
CA ALA A 125 -28.19 13.12 -25.69
C ALA A 125 -26.74 13.33 -26.11
N THR A 126 -25.86 13.52 -25.15
CA THR A 126 -24.48 13.72 -25.58
C THR A 126 -23.80 12.36 -25.78
N PRO A 127 -22.76 12.31 -26.60
CA PRO A 127 -22.15 11.02 -26.94
C PRO A 127 -21.14 10.55 -25.90
N ILE A 128 -20.96 9.24 -25.88
CA ILE A 128 -19.88 8.60 -25.14
C ILE A 128 -18.89 8.09 -26.17
N ALA A 129 -17.73 8.75 -26.25
CA ALA A 129 -16.73 8.38 -27.23
C ALA A 129 -15.94 7.16 -26.77
N VAL A 130 -15.55 6.32 -27.72
CA VAL A 130 -14.76 5.11 -27.48
C VAL A 130 -13.59 5.16 -28.45
N VAL A 131 -12.37 5.13 -27.92
CA VAL A 131 -11.15 5.34 -28.69
C VAL A 131 -10.20 4.20 -28.38
N LEU A 132 -9.59 3.64 -29.43
CA LEU A 132 -8.78 2.43 -29.34
C LEU A 132 -7.36 2.66 -29.83
N SER A 133 -6.43 1.87 -29.29
CA SER A 133 -5.06 1.85 -29.81
C SER A 133 -4.97 1.11 -31.13
N GLN A 134 -5.80 0.08 -31.32
CA GLN A 134 -5.83 -0.71 -32.54
C GLN A 134 -7.23 -1.25 -32.74
N GLN A 135 -7.51 -1.70 -33.97
CA GLN A 135 -8.87 -1.99 -34.39
C GLN A 135 -9.37 -3.35 -33.92
N THR A 136 -8.48 -4.31 -33.73
CA THR A 136 -8.89 -5.66 -33.38
C THR A 136 -8.05 -6.15 -32.22
N GLY A 137 -8.51 -7.25 -31.64
CA GLY A 137 -7.76 -7.98 -30.65
C GLY A 137 -8.25 -7.74 -29.24
N ARG A 138 -7.33 -7.97 -28.30
CA ARG A 138 -7.69 -7.77 -26.91
C ARG A 138 -8.06 -6.32 -26.61
N ILE A 139 -7.60 -5.37 -27.44
CA ILE A 139 -7.96 -3.97 -27.18
C ILE A 139 -9.44 -3.72 -27.49
N ALA A 140 -9.90 -4.13 -28.67
CA ALA A 140 -11.29 -3.94 -29.04
C ALA A 140 -12.23 -4.73 -28.12
N ASP A 141 -11.82 -5.93 -27.70
CA ASP A 141 -12.66 -6.73 -26.80
C ASP A 141 -12.77 -6.07 -25.44
N THR A 142 -11.67 -5.50 -24.96
CA THR A 142 -11.68 -4.74 -23.71
C THR A 142 -12.73 -3.64 -23.74
N ALA A 143 -12.72 -2.82 -24.79
CA ALA A 143 -13.71 -1.75 -24.90
C ALA A 143 -15.12 -2.33 -24.92
N LYS A 144 -15.33 -3.41 -25.66
CA LYS A 144 -16.65 -4.02 -25.75
C LYS A 144 -17.12 -4.52 -24.40
N PHE A 145 -16.24 -5.17 -23.62
CA PHE A 145 -16.62 -5.58 -22.26
C PHE A 145 -17.18 -4.41 -21.47
N PHE A 146 -16.50 -3.25 -21.58
CA PHE A 146 -16.90 -2.06 -20.81
C PHE A 146 -18.21 -1.47 -21.34
N THR A 147 -18.27 -1.21 -22.66
CA THR A 147 -19.45 -0.52 -23.18
C THR A 147 -20.69 -1.41 -23.18
N ALA A 148 -20.52 -2.71 -23.40
CA ALA A 148 -21.68 -3.61 -23.33
C ALA A 148 -22.25 -3.65 -21.92
N ARG A 149 -21.39 -3.58 -20.90
CA ARG A 149 -21.88 -3.55 -19.53
C ARG A 149 -22.64 -2.25 -19.25
N LEU A 150 -22.11 -1.11 -19.69
CA LEU A 150 -22.83 0.15 -19.53
C LEU A 150 -24.24 0.05 -20.08
N GLY A 151 -24.38 -0.56 -21.28
CA GLY A 151 -25.67 -0.64 -21.91
C GLY A 151 -26.58 -1.72 -21.35
N ALA A 152 -26.00 -2.77 -20.77
CA ALA A 152 -26.80 -3.79 -20.10
C ALA A 152 -27.44 -3.26 -18.83
N THR A 153 -26.68 -2.50 -18.06
CA THR A 153 -27.21 -1.86 -16.86
C THR A 153 -28.19 -0.75 -17.18
N ASP A 154 -27.93 0.00 -18.26
CA ASP A 154 -28.73 1.17 -18.62
C ASP A 154 -28.97 1.18 -20.12
N PRO A 155 -30.02 0.49 -20.58
CA PRO A 155 -30.22 0.38 -22.03
C PRO A 155 -30.43 1.71 -22.72
N ALA A 156 -30.92 2.72 -21.99
CA ALA A 156 -31.08 4.04 -22.60
C ALA A 156 -29.75 4.70 -22.87
N LEU A 157 -28.66 4.23 -22.26
CA LEU A 157 -27.34 4.77 -22.56
C LEU A 157 -26.79 4.23 -23.88
N ALA A 158 -27.23 3.04 -24.29
CA ALA A 158 -26.59 2.34 -25.40
C ALA A 158 -26.59 3.12 -26.71
N PRO A 159 -27.68 3.78 -27.12
CA PRO A 159 -27.62 4.54 -28.38
C PRO A 159 -26.66 5.72 -28.33
N LEU A 160 -26.19 6.14 -27.16
CA LEU A 160 -25.27 7.27 -27.08
C LEU A 160 -23.80 6.86 -27.15
N ILE A 161 -23.50 5.59 -26.91
CA ILE A 161 -22.13 5.10 -27.00
C ILE A 161 -21.73 4.99 -28.47
N GLN A 162 -20.72 5.74 -28.86
CA GLN A 162 -20.28 5.81 -30.25
C GLN A 162 -19.53 4.53 -30.66
N GLN A 163 -19.55 4.26 -31.97
CA GLN A 163 -18.72 3.19 -32.49
C GLN A 163 -17.25 3.53 -32.25
N PRO A 164 -16.40 2.54 -31.95
CA PRO A 164 -15.01 2.84 -31.62
C PRO A 164 -14.27 3.48 -32.79
N VAL A 165 -13.30 4.31 -32.46
CA VAL A 165 -12.36 4.83 -33.47
C VAL A 165 -10.95 4.56 -32.98
N VAL A 166 -10.03 4.38 -33.92
CA VAL A 166 -8.61 4.17 -33.61
C VAL A 166 -7.84 5.48 -33.68
N ASP A 167 -7.01 5.73 -32.67
CA ASP A 167 -6.14 6.90 -32.64
C ASP A 167 -4.75 6.42 -32.21
N GLN A 168 -3.89 6.08 -33.18
CA GLN A 168 -2.61 5.47 -32.83
C GLN A 168 -1.62 6.48 -32.24
N ASP A 169 -1.66 7.75 -32.65
CA ASP A 169 -0.80 8.74 -31.99
C ASP A 169 -1.19 8.88 -30.52
N LEU A 170 -2.50 8.82 -30.23
CA LEU A 170 -2.96 9.06 -28.86
C LEU A 170 -2.71 7.85 -27.95
N LEU A 171 -2.92 6.63 -28.47
CA LEU A 171 -3.00 5.42 -27.65
C LEU A 171 -2.03 4.34 -28.09
N TYR A 172 -1.15 4.61 -29.04
CA TYR A 172 -0.17 3.63 -29.49
C TYR A 172 1.16 4.32 -29.79
N PHE A 173 1.44 5.40 -29.06
CA PHE A 173 2.57 6.25 -29.43
C PHE A 173 3.90 5.52 -29.31
N HIS A 174 4.01 4.51 -28.45
CA HIS A 174 5.31 3.85 -28.36
C HIS A 174 5.69 3.15 -29.65
N LYS A 175 4.71 2.92 -30.55
CA LYS A 175 4.98 2.25 -31.82
C LYS A 175 4.85 3.13 -33.04
N THR A 176 4.42 4.39 -32.89
CA THR A 176 4.23 5.32 -33.99
C THR A 176 5.40 6.27 -34.09
N GLU A 177 5.28 7.29 -34.95
CA GLU A 177 6.33 8.28 -35.12
C GLU A 177 6.64 9.01 -33.82
N ARG A 178 5.64 9.20 -32.96
CA ARG A 178 5.89 9.88 -31.69
C ARG A 178 6.96 9.16 -30.88
N GLY A 179 7.02 7.83 -31.00
CA GLY A 179 7.95 7.03 -30.26
C GLY A 179 9.29 6.82 -30.95
N LYS A 180 9.58 7.54 -32.04
CA LYS A 180 10.80 7.24 -32.78
C LYS A 180 12.05 7.52 -31.94
N ALA A 181 12.13 8.69 -31.30
CA ALA A 181 13.32 9.00 -30.50
C ALA A 181 13.43 8.03 -29.32
N TYR A 182 12.30 7.65 -28.73
CA TYR A 182 12.31 6.69 -27.65
C TYR A 182 12.90 5.36 -28.12
N ARG A 183 12.46 4.87 -29.28
CA ARG A 183 12.94 3.57 -29.75
C ARG A 183 14.42 3.62 -30.09
N ASP A 184 14.88 4.75 -30.67
CA ASP A 184 16.30 4.92 -30.95
C ASP A 184 17.11 4.92 -29.67
N TYR A 185 16.58 5.54 -28.62
CA TYR A 185 17.23 5.50 -27.32
C TYR A 185 17.42 4.07 -26.85
N LEU A 186 16.35 3.26 -26.92
CA LEU A 186 16.45 1.87 -26.46
C LEU A 186 17.51 1.12 -27.24
N GLU A 187 17.64 1.40 -28.53
CA GLU A 187 18.50 0.62 -29.40
C GLU A 187 19.95 1.02 -29.27
N ASN A 188 20.21 2.28 -28.93
CA ASN A 188 21.53 2.88 -29.13
C ASN A 188 22.12 3.56 -27.89
N ASP A 189 21.32 3.90 -26.88
CA ASP A 189 21.90 4.60 -25.73
C ASP A 189 22.76 3.65 -24.93
N GLN A 190 24.04 4.03 -24.76
CA GLN A 190 25.00 3.16 -24.10
C GLN A 190 24.73 3.03 -22.60
N ARG A 191 24.39 4.15 -21.95
CA ARG A 191 24.09 4.08 -20.52
C ARG A 191 22.93 3.13 -20.24
N TYR A 192 21.88 3.21 -21.06
CA TYR A 192 20.75 2.32 -20.90
C TYR A 192 21.16 0.87 -21.13
N GLN A 193 21.89 0.63 -22.21
CA GLN A 193 22.32 -0.74 -22.52
C GLN A 193 23.20 -1.29 -21.41
N GLU A 194 24.12 -0.48 -20.89
CA GLU A 194 24.96 -0.94 -19.79
C GLU A 194 24.12 -1.29 -18.57
N THR A 195 23.08 -0.48 -18.29
CA THR A 195 22.26 -0.70 -17.09
C THR A 195 21.44 -1.98 -17.21
N VAL A 196 20.78 -2.17 -18.34
CA VAL A 196 20.06 -3.41 -18.60
C VAL A 196 20.98 -4.61 -18.45
N LYS A 197 22.20 -4.52 -19.01
CA LYS A 197 23.12 -5.64 -18.90
C LYS A 197 23.43 -5.93 -17.44
N ARG A 198 23.70 -4.89 -16.66
CA ARG A 198 24.01 -5.07 -15.25
C ARG A 198 22.85 -5.75 -14.51
N ILE A 199 21.61 -5.33 -14.79
CA ILE A 199 20.45 -5.95 -14.14
C ILE A 199 20.39 -7.43 -14.50
N LYS A 200 20.54 -7.73 -15.79
CA LYS A 200 20.49 -9.11 -16.27
C LYS A 200 21.60 -9.97 -15.66
N ASN A 201 22.74 -9.38 -15.34
CA ASN A 201 23.86 -10.11 -14.77
C ASN A 201 23.87 -10.08 -13.26
N ARG A 202 22.78 -9.65 -12.63
CA ARG A 202 22.73 -9.65 -11.18
C ARG A 202 22.96 -11.05 -10.65
N ASP A 203 23.82 -11.18 -9.65
CA ASP A 203 24.02 -12.48 -9.02
C ASP A 203 22.74 -12.91 -8.34
N GLY A 204 22.27 -14.11 -8.66
CA GLY A 204 21.11 -14.68 -8.01
C GLY A 204 20.18 -15.38 -8.99
N THR A 205 20.27 -15.00 -10.26
CA THR A 205 19.41 -15.62 -11.26
C THR A 205 19.71 -17.10 -11.40
N ARG A 206 20.99 -17.46 -11.43
CA ARG A 206 21.34 -18.86 -11.60
C ARG A 206 20.79 -19.69 -10.47
N GLU A 207 20.96 -19.22 -9.22
CA GLU A 207 20.41 -19.94 -8.09
C GLU A 207 18.88 -20.02 -8.18
N ALA A 208 18.20 -18.90 -8.41
CA ALA A 208 16.73 -18.94 -8.53
C ALA A 208 16.30 -19.88 -9.64
N ALA A 209 16.95 -19.80 -10.79
CA ALA A 209 16.60 -20.69 -11.91
C ALA A 209 16.70 -22.15 -11.51
N THR A 210 17.82 -22.54 -10.89
CA THR A 210 17.98 -23.93 -10.49
C THR A 210 16.95 -24.31 -9.43
N ASP A 211 16.65 -23.38 -8.51
CA ASP A 211 15.61 -23.68 -7.52
C ASP A 211 14.28 -23.97 -8.19
N ILE A 212 13.98 -23.26 -9.27
CA ILE A 212 12.73 -23.51 -10.00
C ILE A 212 12.76 -24.89 -10.64
N LEU A 213 13.82 -25.19 -11.39
CA LEU A 213 13.85 -26.47 -12.10
C LEU A 213 13.92 -27.64 -11.14
N LYS A 214 14.50 -27.44 -9.96
CA LYS A 214 14.63 -28.56 -9.02
C LYS A 214 13.31 -28.93 -8.35
N THR A 215 12.24 -28.16 -8.51
CA THR A 215 10.93 -28.65 -8.08
C THR A 215 10.46 -29.81 -8.95
N ILE A 216 10.91 -29.87 -10.19
CA ILE A 216 10.41 -30.83 -11.17
C ILE A 216 11.41 -31.93 -11.48
N PHE A 217 12.70 -31.57 -11.53
CA PHE A 217 13.75 -32.46 -12.00
C PHE A 217 14.76 -32.73 -10.89
N THR A 218 15.39 -33.90 -10.97
CA THR A 218 16.46 -34.18 -10.03
C THR A 218 17.60 -33.18 -10.21
N PRO A 219 18.36 -32.93 -9.17
CA PRO A 219 19.51 -32.03 -9.31
C PRO A 219 20.47 -32.47 -10.40
N ALA A 220 20.67 -33.77 -10.58
CA ALA A 220 21.61 -34.23 -11.59
C ALA A 220 21.11 -33.92 -13.00
N PHE A 221 19.82 -34.11 -13.24
CA PHE A 221 19.27 -33.70 -14.53
C PHE A 221 19.49 -32.20 -14.75
N VAL A 222 19.28 -31.39 -13.71
CA VAL A 222 19.46 -29.95 -13.88
C VAL A 222 20.93 -29.64 -14.19
N GLU A 223 21.86 -30.28 -13.47
CA GLU A 223 23.29 -30.06 -13.74
C GLU A 223 23.71 -30.56 -15.12
N ARG A 224 22.99 -31.54 -15.66
CA ARG A 224 23.32 -31.98 -17.01
C ARG A 224 22.86 -31.00 -18.07
N MET A 225 21.97 -30.08 -17.74
CA MET A 225 21.55 -29.08 -18.73
C MET A 225 22.63 -28.04 -18.96
N GLU A 226 22.60 -27.46 -20.16
CA GLU A 226 23.45 -26.30 -20.39
C GLU A 226 22.94 -25.13 -19.53
N PRO A 227 23.84 -24.41 -18.86
CA PRO A 227 23.38 -23.29 -18.02
C PRO A 227 22.45 -22.33 -18.75
N SER A 228 22.70 -22.06 -20.03
CA SER A 228 21.80 -21.17 -20.77
C SER A 228 20.40 -21.77 -20.83
N ALA A 229 20.29 -23.09 -21.01
CA ALA A 229 18.98 -23.72 -21.05
C ALA A 229 18.29 -23.68 -19.69
N VAL A 230 19.06 -23.75 -18.60
CA VAL A 230 18.48 -23.66 -17.25
C VAL A 230 17.82 -22.30 -17.06
N THR A 231 18.54 -21.23 -17.41
CA THR A 231 17.99 -19.88 -17.33
C THR A 231 16.71 -19.76 -18.14
N LYS A 232 16.74 -20.26 -19.37
CA LYS A 232 15.63 -20.01 -20.29
C LYS A 232 14.40 -20.81 -19.86
N ALA A 233 14.60 -22.06 -19.46
CA ALA A 233 13.47 -22.85 -18.97
C ALA A 233 12.89 -22.27 -17.69
N ALA A 234 13.76 -21.86 -16.76
CA ALA A 234 13.24 -21.31 -15.51
C ALA A 234 12.50 -20.01 -15.77
N GLN A 235 13.03 -19.15 -16.65
CA GLN A 235 12.33 -17.94 -17.00
C GLN A 235 10.97 -18.26 -17.60
N ALA A 236 10.93 -19.24 -18.50
CA ALA A 236 9.65 -19.62 -19.12
C ALA A 236 8.64 -20.04 -18.06
N LEU A 237 9.06 -20.85 -17.10
CA LEU A 237 8.14 -21.33 -16.08
C LEU A 237 7.72 -20.21 -15.13
N TYR A 238 8.66 -19.35 -14.73
CA TYR A 238 8.27 -18.18 -13.96
C TYR A 238 7.22 -17.36 -14.72
N ASP A 239 7.45 -17.11 -16.01
CA ASP A 239 6.50 -16.31 -16.78
C ASP A 239 5.11 -16.94 -16.81
N LEU A 240 5.05 -18.26 -16.99
CA LEU A 240 3.75 -18.94 -17.08
C LEU A 240 3.08 -19.02 -15.72
N ASP A 241 3.86 -19.16 -14.67
CA ASP A 241 3.32 -19.04 -13.31
C ASP A 241 2.82 -17.62 -13.06
N ALA A 242 3.57 -16.62 -13.53
CA ALA A 242 3.24 -15.22 -13.26
C ALA A 242 1.90 -14.84 -13.88
N ILE A 243 1.60 -15.38 -15.06
CA ILE A 243 0.39 -15.00 -15.76
C ILE A 243 -0.77 -15.95 -15.49
N ALA A 244 -0.53 -17.08 -14.83
CA ALA A 244 -1.62 -18.00 -14.50
C ALA A 244 -2.80 -17.32 -13.80
N PRO A 245 -2.63 -16.36 -12.89
CA PRO A 245 -3.82 -15.72 -12.30
C PRO A 245 -4.72 -15.06 -13.33
N ASP A 246 -4.17 -14.57 -14.45
CA ASP A 246 -5.00 -14.00 -15.50
C ASP A 246 -6.01 -15.01 -16.01
N LEU A 247 -5.68 -16.31 -15.91
CA LEU A 247 -6.55 -17.36 -16.39
C LEU A 247 -7.34 -18.02 -15.28
N SER A 248 -7.59 -17.31 -14.17
CA SER A 248 -8.28 -17.93 -13.05
C SER A 248 -9.69 -18.40 -13.42
N VAL A 249 -10.35 -17.77 -14.39
CA VAL A 249 -11.68 -18.22 -14.76
C VAL A 249 -11.60 -19.54 -15.52
N GLU A 250 -10.55 -19.73 -16.30
CA GLU A 250 -10.37 -20.95 -17.09
C GLU A 250 -9.84 -22.11 -16.25
N GLY A 251 -9.14 -21.83 -15.15
CA GLY A 251 -8.75 -22.92 -14.27
C GLY A 251 -7.77 -22.49 -13.21
N ASN A 252 -7.41 -23.47 -12.39
CA ASN A 252 -6.39 -23.33 -11.36
C ASN A 252 -5.43 -24.49 -11.51
N TRP A 253 -4.22 -24.20 -11.93
CA TRP A 253 -3.23 -25.23 -12.20
C TRP A 253 -2.18 -25.34 -11.11
N HIS A 254 -2.31 -24.56 -10.05
CA HIS A 254 -1.38 -24.58 -8.91
C HIS A 254 0.07 -24.63 -9.37
N LEU A 255 0.42 -23.69 -10.26
CA LEU A 255 1.78 -23.69 -10.78
C LEU A 255 2.80 -23.21 -9.76
N ASP A 256 2.36 -22.64 -8.64
CA ASP A 256 3.31 -22.29 -7.60
C ASP A 256 3.99 -23.52 -6.98
N ARG A 257 3.43 -24.71 -7.18
CA ARG A 257 4.14 -25.96 -6.84
C ARG A 257 5.52 -26.00 -7.45
N PHE A 258 5.70 -25.38 -8.60
CA PHE A 258 6.92 -25.54 -9.37
C PHE A 258 7.76 -24.27 -9.40
N VAL A 259 7.33 -23.20 -8.74
CA VAL A 259 8.11 -21.96 -8.66
C VAL A 259 8.21 -21.55 -7.19
N PRO A 260 9.30 -21.87 -6.49
CA PRO A 260 9.45 -21.39 -5.12
C PRO A 260 9.23 -19.88 -5.02
N ARG A 261 8.67 -19.45 -3.88
CA ARG A 261 8.29 -18.05 -3.74
C ARG A 261 9.51 -17.13 -3.81
N HIS A 262 10.61 -17.51 -3.14
CA HIS A 262 11.80 -16.66 -3.22
C HIS A 262 12.29 -16.52 -4.64
N ALA A 263 12.15 -17.57 -5.45
CA ALA A 263 12.57 -17.49 -6.85
C ALA A 263 11.64 -16.59 -7.64
N ALA A 264 10.34 -16.68 -7.40
CA ALA A 264 9.41 -15.78 -8.06
C ALA A 264 9.70 -14.33 -7.68
N ALA A 265 10.00 -14.08 -6.40
CA ALA A 265 10.30 -12.72 -5.95
C ALA A 265 11.53 -12.19 -6.67
N TRP A 266 12.53 -13.05 -6.84
CA TRP A 266 13.74 -12.65 -7.53
C TRP A 266 13.43 -12.29 -8.98
N PHE A 267 12.77 -13.20 -9.70
CA PHE A 267 12.46 -12.94 -11.10
C PHE A 267 11.52 -11.74 -11.25
N ALA A 268 10.61 -11.53 -10.29
CA ALA A 268 9.78 -10.33 -10.35
C ALA A 268 10.63 -9.07 -10.21
N SER A 269 11.60 -9.08 -9.30
CA SER A 269 12.42 -7.89 -9.10
C SER A 269 13.26 -7.58 -10.32
N ILE A 270 13.69 -8.62 -11.06
CA ILE A 270 14.43 -8.41 -12.30
C ILE A 270 13.53 -7.78 -13.36
N ASP A 271 12.32 -8.33 -13.52
CA ASP A 271 11.40 -7.77 -14.52
C ASP A 271 11.09 -6.32 -14.21
N ASP A 272 10.85 -6.00 -12.93
CA ASP A 272 10.53 -4.64 -12.56
C ASP A 272 11.68 -3.69 -12.84
N ALA A 273 12.91 -4.10 -12.51
CA ALA A 273 14.06 -3.24 -12.76
C ALA A 273 14.22 -2.94 -14.26
N LYS A 274 14.11 -3.97 -15.11
CA LYS A 274 14.20 -3.74 -16.55
C LYS A 274 13.11 -2.80 -17.02
N SER A 275 11.86 -3.03 -16.57
CA SER A 275 10.76 -2.20 -17.03
C SER A 275 10.89 -0.79 -16.51
N PHE A 276 11.40 -0.63 -15.29
CA PHE A 276 11.60 0.70 -14.75
C PHE A 276 12.37 1.59 -15.72
N TYR A 277 13.48 1.06 -16.27
CA TYR A 277 14.33 1.82 -17.18
C TYR A 277 13.80 1.82 -18.61
N LYS A 278 13.20 0.72 -19.05
CA LYS A 278 12.75 0.68 -20.43
C LYS A 278 11.50 1.53 -20.64
N LYS A 279 10.64 1.60 -19.64
CA LYS A 279 9.31 2.20 -19.79
C LYS A 279 8.91 3.20 -18.73
N GLY A 280 9.49 3.14 -17.53
CA GLY A 280 9.03 3.97 -16.44
C GLY A 280 9.89 5.21 -16.25
N PRO A 281 9.97 5.70 -15.02
CA PRO A 281 10.63 6.99 -14.78
C PRO A 281 12.06 7.05 -15.32
N GLY A 282 12.81 5.93 -15.33
CA GLY A 282 14.13 5.99 -15.95
C GLY A 282 15.11 6.82 -15.13
N PHE A 283 16.08 7.43 -15.83
CA PHE A 283 17.17 8.13 -15.15
C PHE A 283 16.79 9.56 -14.77
N GLU A 284 17.21 9.97 -13.57
CA GLU A 284 17.05 11.37 -13.16
C GLU A 284 17.44 12.33 -14.28
N GLY A 285 16.55 13.27 -14.57
CA GLY A 285 16.84 14.32 -15.54
C GLY A 285 16.49 14.02 -16.97
N SER A 286 16.06 12.80 -17.29
CA SER A 286 15.72 12.42 -18.64
C SER A 286 14.24 12.10 -18.73
N ASP A 287 13.58 12.59 -19.78
CA ASP A 287 12.20 12.22 -20.05
C ASP A 287 12.08 11.40 -21.33
N ILE A 288 13.19 10.82 -21.80
CA ILE A 288 13.13 10.09 -23.06
C ILE A 288 12.12 8.96 -22.99
N THR A 289 11.94 8.34 -21.80
CA THR A 289 11.04 7.19 -21.78
C THR A 289 9.56 7.58 -21.79
N PHE A 290 9.22 8.84 -21.53
CA PHE A 290 7.81 9.17 -21.31
C PHE A 290 7.33 10.48 -21.92
N ALA A 291 8.21 11.31 -22.49
CA ALA A 291 7.72 12.51 -23.15
C ALA A 291 6.70 12.18 -24.23
N MET A 292 6.87 11.04 -24.88
CA MET A 292 5.91 10.67 -25.93
C MET A 292 4.48 10.61 -25.41
N ALA A 293 4.28 10.44 -24.11
CA ALA A 293 2.93 10.34 -23.55
C ALA A 293 2.25 11.69 -23.39
N SER A 294 2.95 12.80 -23.67
CA SER A 294 2.35 14.13 -23.50
C SER A 294 1.06 14.30 -24.31
N ILE A 295 0.97 13.64 -25.48
CA ILE A 295 -0.25 13.74 -26.29
C ILE A 295 -1.46 13.22 -25.51
N LEU A 296 -1.27 12.21 -24.66
CA LEU A 296 -2.36 11.62 -23.92
C LEU A 296 -2.73 12.46 -22.70
N LEU A 297 -1.74 12.99 -21.99
CA LEU A 297 -2.02 13.98 -20.96
C LEU A 297 -2.72 15.20 -21.56
N ASP A 298 -2.18 15.71 -22.68
CA ASP A 298 -2.86 16.78 -23.42
C ASP A 298 -4.33 16.46 -23.61
N ASP A 299 -4.63 15.24 -24.03
CA ASP A 299 -6.01 14.90 -24.38
C ASP A 299 -6.92 14.90 -23.17
N PHE A 300 -6.43 14.48 -21.99
CA PHE A 300 -7.25 14.55 -20.80
C PHE A 300 -7.70 15.99 -20.56
N PHE A 301 -6.78 16.94 -20.77
CA PHE A 301 -7.13 18.36 -20.64
C PHE A 301 -8.06 18.80 -21.75
N LYS A 302 -7.73 18.43 -23.00
CA LYS A 302 -8.53 18.87 -24.13
C LYS A 302 -9.98 18.42 -23.99
N GLN A 303 -10.19 17.17 -23.60
CA GLN A 303 -11.57 16.68 -23.51
C GLN A 303 -12.30 17.28 -22.31
N ALA A 304 -11.60 17.51 -21.20
CA ALA A 304 -12.21 18.20 -20.06
C ALA A 304 -12.65 19.60 -20.44
N GLU A 305 -11.77 20.37 -21.12
CA GLU A 305 -12.14 21.73 -21.52
C GLU A 305 -13.27 21.72 -22.53
N ALA A 306 -13.28 20.74 -23.44
CA ALA A 306 -14.39 20.58 -24.36
C ALA A 306 -15.69 20.30 -23.62
N ALA A 307 -15.62 19.53 -22.53
CA ALA A 307 -16.84 19.20 -21.80
C ALA A 307 -17.52 20.45 -21.26
N ARG A 308 -16.74 21.49 -20.94
CA ARG A 308 -17.33 22.78 -20.62
C ARG A 308 -18.22 23.27 -21.74
N ALA A 309 -17.87 22.95 -22.98
CA ALA A 309 -18.63 23.32 -24.17
C ALA A 309 -19.82 22.40 -24.42
N GLY A 310 -20.12 21.49 -23.50
CA GLY A 310 -21.32 20.68 -23.54
C GLY A 310 -21.40 19.66 -24.65
N LYS A 311 -20.33 19.44 -25.42
CA LYS A 311 -20.46 18.51 -26.53
C LYS A 311 -20.48 17.06 -26.04
N LEU A 312 -19.50 16.66 -25.22
CA LEU A 312 -19.21 15.25 -24.99
C LEU A 312 -19.61 14.85 -23.57
N GLY A 313 -20.15 13.64 -23.43
CA GLY A 313 -20.56 13.13 -22.13
C GLY A 313 -19.45 12.40 -21.37
N ALA A 314 -18.73 11.53 -22.08
CA ALA A 314 -17.61 10.81 -21.48
C ALA A 314 -16.68 10.39 -22.60
N ASP A 315 -15.44 10.12 -22.24
CA ASP A 315 -14.42 9.70 -23.21
C ASP A 315 -13.73 8.46 -22.68
N LEU A 316 -13.87 7.33 -23.40
CA LEU A 316 -13.36 6.04 -22.93
C LEU A 316 -12.24 5.58 -23.86
N ARG A 317 -11.02 5.47 -23.35
CA ARG A 317 -9.86 5.13 -24.17
C ARG A 317 -9.21 3.83 -23.70
N PHE A 318 -8.78 2.99 -24.65
CA PHE A 318 -8.27 1.67 -24.31
C PHE A 318 -6.95 1.39 -25.01
N THR A 319 -5.95 0.91 -24.25
CA THR A 319 -4.58 0.95 -24.75
C THR A 319 -3.74 -0.12 -24.04
N HIS A 320 -2.41 0.03 -24.06
CA HIS A 320 -1.50 -0.94 -23.47
C HIS A 320 -0.76 -0.38 -22.27
N ALA A 321 -0.08 -1.28 -21.57
CA ALA A 321 0.83 -0.87 -20.51
C ALA A 321 1.88 0.12 -21.02
N GLU A 322 2.31 -0.02 -22.28
CA GLU A 322 3.37 0.81 -22.84
C GLU A 322 2.90 2.25 -23.05
N GLU A 323 1.60 2.51 -22.86
CA GLU A 323 1.05 3.85 -22.81
C GLU A 323 0.74 4.30 -21.38
N ILE A 324 0.18 3.41 -20.55
CA ILE A 324 -0.13 3.77 -19.17
C ILE A 324 1.15 4.06 -18.36
N ILE A 325 2.16 3.20 -18.48
CA ILE A 325 3.40 3.40 -17.70
C ILE A 325 4.01 4.77 -17.97
N PRO A 326 4.27 5.16 -19.20
CA PRO A 326 4.84 6.49 -19.42
C PRO A 326 3.91 7.63 -19.02
N LEU A 327 2.60 7.47 -19.18
CA LEU A 327 1.69 8.51 -18.72
C LEU A 327 1.85 8.74 -17.22
N ALA A 328 1.94 7.66 -16.44
CA ALA A 328 2.13 7.78 -14.99
C ALA A 328 3.46 8.44 -14.63
N ALA A 329 4.54 8.11 -15.34
CA ALA A 329 5.82 8.78 -15.09
C ALA A 329 5.76 10.27 -15.45
N LEU A 330 5.14 10.59 -16.58
CA LEU A 330 5.01 11.99 -16.98
C LEU A 330 4.22 12.80 -15.95
N MET A 331 3.15 12.22 -15.40
CA MET A 331 2.30 12.92 -14.44
C MET A 331 2.85 12.85 -13.03
N GLN A 332 3.91 12.07 -12.82
CA GLN A 332 4.45 11.79 -11.48
C GLN A 332 3.38 11.22 -10.55
N LEU A 333 2.61 10.27 -11.08
CA LEU A 333 1.59 9.59 -10.28
C LEU A 333 2.26 8.78 -9.16
N PRO A 334 1.53 8.50 -8.07
CA PRO A 334 2.13 7.72 -6.97
C PRO A 334 2.75 6.43 -7.48
N GLY A 335 3.99 6.20 -7.08
CA GLY A 335 4.76 5.07 -7.52
C GLY A 335 5.72 5.39 -8.64
N SER A 336 5.47 6.46 -9.39
CA SER A 336 6.27 6.82 -10.56
C SER A 336 6.94 8.19 -10.38
N GLU A 337 7.03 8.67 -9.16
CA GLU A 337 7.53 10.01 -8.91
C GLU A 337 9.05 10.06 -8.70
N LYS A 338 9.72 8.91 -8.67
CA LYS A 338 11.13 8.86 -8.28
C LYS A 338 11.95 8.28 -9.43
N GLN A 339 12.73 9.14 -10.08
CA GLN A 339 13.69 8.67 -11.06
C GLN A 339 14.95 8.16 -10.36
N ALA A 340 15.73 7.36 -11.07
CA ALA A 340 16.92 6.71 -10.52
C ALA A 340 18.16 7.56 -10.70
N ASP A 341 18.95 7.64 -9.64
CA ASP A 341 20.30 8.15 -9.71
C ASP A 341 21.15 7.26 -10.62
N PRO A 342 21.80 7.80 -11.65
CA PRO A 342 22.60 6.95 -12.54
C PRO A 342 23.71 6.19 -11.82
N ASP A 343 24.10 6.64 -10.63
CA ASP A 343 25.15 5.98 -9.88
C ASP A 343 24.60 4.95 -8.91
N GLU A 344 23.31 4.61 -9.03
CA GLU A 344 22.68 3.77 -8.03
C GLU A 344 21.46 3.11 -8.68
N ASP A 345 21.67 1.91 -9.22
CA ASP A 345 20.62 1.22 -9.96
C ASP A 345 19.37 1.04 -9.11
N TYR A 346 18.23 1.14 -9.77
CA TYR A 346 16.93 0.81 -9.20
C TYR A 346 16.99 -0.48 -8.39
N THR A 347 16.41 -0.45 -7.19
CA THR A 347 16.10 -1.67 -6.45
C THR A 347 14.75 -1.48 -5.77
N TYR A 348 14.17 -2.59 -5.31
CA TYR A 348 12.93 -2.50 -4.55
C TYR A 348 13.11 -1.64 -3.30
N ALA A 349 14.32 -1.61 -2.73
CA ALA A 349 14.52 -0.85 -1.51
C ALA A 349 14.65 0.65 -1.76
N ASN A 350 15.12 1.08 -2.93
CA ASN A 350 15.38 2.51 -3.11
C ASN A 350 14.37 3.19 -4.01
N ASN A 351 13.34 2.48 -4.46
CA ASN A 351 12.38 3.05 -5.40
C ASN A 351 11.02 2.42 -5.19
N PRO A 352 9.93 3.19 -5.26
CA PRO A 352 8.60 2.63 -5.03
C PRO A 352 7.94 2.04 -6.27
N TRP A 353 8.56 2.20 -7.44
CA TRP A 353 7.95 1.78 -8.70
C TRP A 353 7.82 0.26 -8.75
N ARG A 354 6.64 -0.23 -9.13
CA ARG A 354 6.38 -1.65 -9.29
C ARG A 354 5.40 -1.83 -10.44
N GLY A 355 5.64 -2.83 -11.28
CA GLY A 355 4.70 -3.08 -12.37
C GLY A 355 3.33 -3.42 -11.84
N ALA A 356 3.27 -4.10 -10.70
CA ALA A 356 1.98 -4.57 -10.20
C ALA A 356 1.10 -3.42 -9.77
N SER A 357 1.69 -2.34 -9.25
CA SER A 357 0.87 -1.22 -8.80
C SER A 357 0.81 -0.10 -9.82
N VAL A 358 1.83 0.06 -10.64
CA VAL A 358 1.81 1.10 -11.67
C VAL A 358 0.98 0.68 -12.87
N SER A 359 1.13 -0.59 -13.30
CA SER A 359 0.51 -1.07 -14.52
C SER A 359 0.12 -2.53 -14.43
N PRO A 360 -0.82 -2.87 -13.54
CA PRO A 360 -1.39 -4.23 -13.55
C PRO A 360 -2.21 -4.44 -14.81
N MET A 361 -2.79 -5.61 -15.01
CA MET A 361 -3.79 -5.68 -16.06
C MET A 361 -4.94 -4.73 -15.74
N ALA A 362 -5.60 -4.23 -16.79
CA ALA A 362 -6.62 -3.17 -16.72
C ALA A 362 -6.17 -1.94 -15.91
N ALA A 363 -4.85 -1.68 -15.84
CA ALA A 363 -4.39 -0.42 -15.27
C ALA A 363 -5.13 0.74 -15.90
N ASN A 364 -5.56 1.71 -15.08
CA ASN A 364 -6.42 2.73 -15.67
C ASN A 364 -6.35 4.03 -14.86
N LEU A 365 -6.55 5.14 -15.57
CA LEU A 365 -6.62 6.46 -14.97
C LEU A 365 -7.96 7.08 -15.35
N GLN A 366 -8.60 7.72 -14.40
CA GLN A 366 -9.90 8.33 -14.69
C GLN A 366 -9.97 9.72 -14.09
N TRP A 367 -10.58 10.65 -14.83
CA TRP A 367 -10.90 11.98 -14.33
C TRP A 367 -12.42 12.15 -14.31
N ASP A 368 -12.95 12.57 -13.15
CA ASP A 368 -14.34 12.98 -13.01
C ASP A 368 -14.41 14.49 -12.91
N ILE A 369 -15.25 15.13 -13.71
CA ILE A 369 -15.32 16.58 -13.77
C ILE A 369 -16.67 17.01 -13.22
N TYR A 370 -16.65 17.88 -12.22
CA TYR A 370 -17.85 18.38 -11.56
C TYR A 370 -17.97 19.88 -11.77
N ARG A 371 -19.21 20.36 -11.80
CA ARG A 371 -19.46 21.77 -12.10
C ARG A 371 -20.35 22.41 -11.04
N ASN A 372 -20.00 23.64 -10.67
CA ASN A 372 -20.86 24.52 -9.89
C ASN A 372 -20.72 25.90 -10.50
N GLY A 373 -21.81 26.41 -11.05
CA GLY A 373 -21.74 27.69 -11.74
C GLY A 373 -20.73 27.60 -12.85
N THR A 374 -19.71 28.45 -12.79
CA THR A 374 -18.66 28.48 -13.78
C THR A 374 -17.40 27.76 -13.35
N THR A 375 -17.41 27.11 -12.18
CA THR A 375 -16.23 26.44 -11.65
C THR A 375 -16.31 24.95 -11.96
N TYR A 376 -15.20 24.40 -12.45
CA TYR A 376 -15.10 22.98 -12.78
C TYR A 376 -14.02 22.33 -11.91
N LEU A 377 -14.39 21.28 -11.19
CA LEU A 377 -13.48 20.55 -10.32
C LEU A 377 -13.14 19.21 -10.93
N VAL A 378 -11.89 18.78 -10.76
CA VAL A 378 -11.42 17.47 -11.23
C VAL A 378 -11.02 16.63 -10.03
N ARG A 379 -11.45 15.38 -10.05
CA ARG A 379 -11.02 14.35 -9.11
C ARG A 379 -10.38 13.23 -9.91
N MET A 380 -9.19 12.78 -9.49
CA MET A 380 -8.44 11.79 -10.24
C MET A 380 -8.48 10.45 -9.52
N LEU A 381 -8.83 9.39 -10.25
CA LEU A 381 -8.75 8.02 -9.76
C LEU A 381 -7.67 7.27 -10.53
N TYR A 382 -6.82 6.55 -9.80
CA TYR A 382 -5.76 5.73 -10.39
C TYR A 382 -5.88 4.32 -9.84
N GLN A 383 -6.09 3.33 -10.71
CA GLN A 383 -6.52 2.01 -10.30
C GLN A 383 -7.70 2.14 -9.34
N GLU A 384 -8.52 3.16 -9.61
CA GLU A 384 -9.74 3.48 -8.86
C GLU A 384 -9.48 3.84 -7.40
N LYS A 385 -8.23 4.16 -7.06
CA LYS A 385 -7.95 4.89 -5.83
C LYS A 385 -7.93 6.38 -6.12
N GLU A 386 -8.65 7.14 -5.30
CA GLU A 386 -8.61 8.60 -5.36
C GLU A 386 -7.25 9.11 -4.92
N ILE A 387 -6.59 9.87 -5.78
CA ILE A 387 -5.21 10.27 -5.52
C ILE A 387 -5.05 11.78 -5.72
N PRO A 388 -4.09 12.38 -5.04
CA PRO A 388 -3.76 13.78 -5.32
C PRO A 388 -3.01 13.90 -6.64
N PHE A 389 -3.03 15.12 -7.19
CA PHE A 389 -2.10 15.47 -8.26
C PHE A 389 -0.72 15.80 -7.67
N LYS A 390 0.29 15.93 -8.55
CA LYS A 390 1.65 16.27 -8.15
C LYS A 390 1.62 17.49 -7.25
N PRO A 391 2.61 17.68 -6.37
CA PRO A 391 2.40 18.60 -5.23
C PRO A 391 2.39 20.06 -5.58
N ASP A 392 2.85 20.48 -6.77
CA ASP A 392 2.73 21.91 -7.06
C ASP A 392 1.34 22.28 -7.57
N CYS A 393 0.43 21.31 -7.71
CA CYS A 393 -0.97 21.57 -7.96
C CYS A 393 -1.70 21.77 -6.64
N THR A 394 -2.48 22.86 -6.52
CA THR A 394 -3.14 23.19 -5.27
C THR A 394 -4.58 22.71 -5.28
N PRO A 395 -5.02 21.99 -4.26
CA PRO A 395 -6.42 21.54 -4.22
C PRO A 395 -7.39 22.69 -3.97
N PHE A 396 -8.65 22.41 -4.31
CA PHE A 396 -9.74 23.37 -4.16
C PHE A 396 -9.81 23.91 -2.73
N THR A 397 -9.60 23.04 -1.74
CA THR A 397 -9.54 23.39 -0.33
C THR A 397 -8.49 22.49 0.29
N PRO A 398 -7.92 22.89 1.43
CA PRO A 398 -6.85 22.09 2.04
C PRO A 398 -7.31 20.68 2.32
N GLY A 399 -6.47 19.70 1.98
CA GLY A 399 -6.83 18.30 2.16
C GLY A 399 -7.71 17.71 1.08
N SER A 400 -8.19 18.51 0.12
CA SER A 400 -9.16 18.02 -0.84
C SER A 400 -8.47 17.26 -1.97
N HIS A 401 -9.15 16.25 -2.49
CA HIS A 401 -8.74 15.58 -3.72
C HIS A 401 -9.38 16.16 -4.95
N TYR A 402 -10.17 17.24 -4.80
CA TYR A 402 -10.75 17.96 -5.93
C TYR A 402 -9.88 19.15 -6.30
N TYR A 403 -9.67 19.35 -7.61
CA TYR A 403 -8.83 20.45 -8.10
C TYR A 403 -9.60 21.27 -9.14
N ARG A 404 -9.46 22.59 -9.06
CA ARG A 404 -10.03 23.42 -10.12
C ARG A 404 -9.37 23.04 -11.43
N LEU A 405 -10.16 22.97 -12.48
CA LEU A 405 -9.59 22.66 -13.79
C LEU A 405 -8.61 23.75 -14.22
N ASP A 406 -8.88 25.01 -13.89
CA ASP A 406 -7.93 26.02 -14.31
C ASP A 406 -6.68 26.03 -13.43
N GLU A 407 -6.75 25.45 -12.23
CA GLU A 407 -5.53 25.25 -11.46
C GLU A 407 -4.70 24.12 -12.08
N LEU A 408 -5.35 23.05 -12.52
CA LEU A 408 -4.62 21.96 -13.16
C LEU A 408 -3.96 22.42 -14.45
N SER A 409 -4.67 23.20 -15.27
CA SER A 409 -4.02 23.74 -16.47
C SER A 409 -2.79 24.57 -16.11
N ARG A 410 -2.89 25.41 -15.08
CA ARG A 410 -1.75 26.22 -14.66
C ARG A 410 -0.58 25.32 -14.22
N CYS A 411 -0.85 24.36 -13.32
CA CYS A 411 0.28 23.62 -12.74
C CYS A 411 0.89 22.61 -13.71
N PHE A 412 0.21 22.29 -14.80
CA PHE A 412 0.81 21.48 -15.85
C PHE A 412 1.39 22.33 -16.97
N GLY A 413 1.40 23.66 -16.80
CA GLY A 413 2.08 24.57 -17.70
C GLY A 413 1.30 24.89 -18.96
N ARG A 414 0.03 24.51 -19.05
CA ARG A 414 -0.80 24.83 -20.21
C ARG A 414 -1.29 26.28 -20.22
N THR A 415 -1.36 26.93 -19.07
CA THR A 415 -1.82 28.32 -18.96
C THR A 415 -0.96 29.03 -17.92
N ALA A 416 -1.08 30.36 -17.88
CA ALA A 416 -0.26 31.12 -16.94
C ALA A 416 -0.83 31.17 -15.54
N ARG A 417 -2.16 31.12 -15.44
CA ARG A 417 -2.85 31.38 -14.21
C ARG A 417 -4.28 30.95 -14.48
N THR B 5 -8.62 0.36 7.69
CA THR B 5 -9.55 0.49 8.81
C THR B 5 -9.99 1.93 9.03
N ALA B 6 -9.20 2.87 8.51
CA ALA B 6 -9.43 4.30 8.67
C ALA B 6 -8.58 5.03 7.65
N GLN B 7 -9.07 6.18 7.18
CA GLN B 7 -8.36 6.92 6.15
C GLN B 7 -7.51 8.05 6.70
N TYR B 8 -7.97 8.70 7.76
CA TYR B 8 -7.35 9.95 8.21
C TYR B 8 -7.05 9.90 9.71
N SER B 9 -6.73 8.73 10.25
CA SER B 9 -6.58 8.58 11.70
C SER B 9 -5.13 8.47 12.18
N THR B 10 -4.15 8.65 11.30
CA THR B 10 -2.72 8.49 11.63
C THR B 10 -2.51 7.38 12.66
N SER B 11 -1.86 7.68 13.80
CA SER B 11 -1.54 6.61 14.74
C SER B 11 -2.72 6.18 15.59
N LYS B 12 -3.91 6.75 15.38
CA LYS B 12 -5.12 6.18 15.94
C LYS B 12 -5.72 5.10 15.04
N THR B 13 -5.17 4.91 13.85
CA THR B 13 -5.73 3.93 12.91
C THR B 13 -5.77 2.54 13.54
N PRO B 14 -6.93 1.87 13.54
CA PRO B 14 -7.00 0.49 14.04
C PRO B 14 -6.13 -0.47 13.24
N TYR B 15 -5.75 -1.56 13.90
CA TYR B 15 -4.82 -2.53 13.34
C TYR B 15 -5.47 -3.39 12.28
N SER B 16 -4.71 -3.69 11.23
CA SER B 16 -5.09 -4.68 10.25
C SER B 16 -3.80 -5.39 9.85
N PRO B 17 -3.75 -6.71 9.86
CA PRO B 17 -2.54 -7.39 9.37
C PRO B 17 -2.37 -7.09 7.88
N GLN B 18 -1.12 -6.93 7.47
CA GLN B 18 -0.81 -6.42 6.14
C GLN B 18 -0.37 -7.53 5.18
N GLN B 19 -0.54 -8.80 5.57
CA GLN B 19 -0.27 -9.90 4.66
C GLN B 19 -1.01 -11.13 5.15
N ASP B 20 -1.54 -11.90 4.20
CA ASP B 20 -2.10 -13.22 4.48
C ASP B 20 -0.99 -14.18 4.87
N ILE B 21 -1.12 -14.84 6.02
CA ILE B 21 -0.03 -15.73 6.45
C ILE B 21 0.19 -16.88 5.47
N ARG B 22 -0.82 -17.24 4.67
CA ARG B 22 -0.59 -18.34 3.72
C ARG B 22 0.35 -17.93 2.60
N THR B 23 0.73 -16.66 2.50
CA THR B 23 1.65 -16.19 1.47
C THR B 23 3.03 -15.84 2.01
N TYR B 24 3.30 -16.12 3.28
CA TYR B 24 4.68 -16.04 3.76
C TYR B 24 5.54 -17.06 3.04
N GLN B 25 6.83 -16.75 2.95
CA GLN B 25 7.79 -17.72 2.43
C GLN B 25 7.98 -18.84 3.45
N PRO B 26 7.94 -20.10 3.02
CA PRO B 26 8.24 -21.19 3.94
C PRO B 26 9.72 -21.24 4.24
N PRO B 27 10.13 -21.91 5.33
CA PRO B 27 11.54 -21.95 5.65
C PRO B 27 12.29 -22.75 4.60
N PRO B 28 13.61 -22.53 4.44
CA PRO B 28 14.38 -23.38 3.56
C PRO B 28 14.38 -24.82 4.07
N PRO B 29 14.58 -25.79 3.18
CA PRO B 29 14.52 -27.20 3.61
C PRO B 29 15.46 -27.47 4.77
N GLY B 30 15.00 -28.32 5.70
CA GLY B 30 15.78 -28.68 6.88
C GLY B 30 15.77 -27.65 7.98
N PHE B 31 15.15 -26.49 7.79
CA PHE B 31 15.06 -25.46 8.82
C PHE B 31 13.73 -25.59 9.55
N THR B 32 13.79 -25.51 10.88
CA THR B 32 12.61 -25.65 11.71
C THR B 32 12.59 -24.54 12.77
N ALA B 33 11.40 -24.05 13.07
CA ALA B 33 11.25 -22.93 13.97
C ALA B 33 11.68 -23.29 15.39
N VAL B 34 12.56 -22.49 15.98
CA VAL B 34 13.03 -22.73 17.34
C VAL B 34 12.65 -21.61 18.31
N PHE B 35 12.15 -20.47 17.82
CA PHE B 35 11.95 -19.31 18.69
C PHE B 35 11.21 -18.22 17.95
N THR B 36 10.39 -17.47 18.69
CA THR B 36 9.77 -16.27 18.13
C THR B 36 9.79 -15.16 19.18
N GLU B 37 9.86 -13.93 18.71
CA GLU B 37 9.88 -12.80 19.63
C GLU B 37 9.12 -11.63 19.02
N LEU B 38 8.49 -10.87 19.90
CA LEU B 38 7.49 -9.90 19.48
C LEU B 38 7.67 -8.64 20.30
N VAL B 39 7.44 -7.48 19.67
CA VAL B 39 7.13 -6.27 20.41
C VAL B 39 5.91 -5.65 19.78
N SER B 40 4.92 -5.30 20.60
CA SER B 40 3.67 -4.77 20.08
C SER B 40 3.22 -3.58 20.93
N ARG B 41 2.69 -2.57 20.25
CA ARG B 41 1.91 -1.53 20.90
C ARG B 41 0.61 -2.14 21.43
N HIS B 42 0.01 -1.46 22.41
CA HIS B 42 -1.33 -1.81 22.83
C HIS B 42 -2.30 -1.74 21.64
N GLY B 43 -3.42 -2.44 21.77
CA GLY B 43 -4.47 -2.38 20.78
C GLY B 43 -5.27 -1.07 20.86
N SER B 44 -6.25 -0.96 19.95
CA SER B 44 -7.12 0.20 19.87
C SER B 44 -7.62 0.58 21.25
N ARG B 45 -7.83 1.89 21.48
CA ARG B 45 -8.12 2.41 22.81
C ARG B 45 -9.06 3.59 22.70
N THR B 46 -9.57 4.03 23.86
CA THR B 46 -10.29 5.28 23.97
C THR B 46 -9.32 6.46 24.00
N PRO B 47 -9.81 7.67 23.74
CA PRO B 47 -9.00 8.87 24.01
C PRO B 47 -8.45 8.83 25.42
N THR B 48 -7.23 9.35 25.60
CA THR B 48 -6.64 9.45 26.93
C THR B 48 -7.24 10.60 27.75
N LYS B 49 -7.92 11.54 27.10
CA LYS B 49 -8.56 12.65 27.79
C LYS B 49 -9.91 12.94 27.16
N ILE B 50 -10.82 13.48 27.96
CA ILE B 50 -12.16 13.76 27.48
C ILE B 50 -12.45 15.27 27.45
N ASP B 51 -11.45 16.11 27.73
CA ASP B 51 -11.74 17.53 27.88
C ASP B 51 -12.12 18.18 26.55
N GLY B 52 -11.64 17.63 25.43
CA GLY B 52 -12.07 18.14 24.14
C GLY B 52 -13.55 17.93 23.91
N ALA B 53 -14.08 16.79 24.36
CA ALA B 53 -15.52 16.55 24.31
C ALA B 53 -16.27 17.55 25.17
N ASP B 54 -15.80 17.74 26.41
CA ASP B 54 -16.38 18.76 27.28
C ASP B 54 -16.41 20.11 26.58
N LEU B 55 -15.26 20.54 26.05
CA LEU B 55 -15.18 21.81 25.34
C LEU B 55 -16.22 21.90 24.24
N LEU B 56 -16.32 20.87 23.41
CA LEU B 56 -17.25 20.89 22.29
C LEU B 56 -18.70 20.96 22.76
N LEU B 57 -19.02 20.24 23.85
CA LEU B 57 -20.37 20.32 24.38
C LEU B 57 -20.66 21.69 24.99
N GLN B 58 -19.64 22.35 25.54
CA GLN B 58 -19.82 23.69 26.07
CA GLN B 58 -19.82 23.70 26.07
C GLN B 58 -20.12 24.68 24.94
N LEU B 59 -19.28 24.69 23.91
CA LEU B 59 -19.54 25.50 22.72
C LEU B 59 -20.93 25.22 22.15
N TRP B 60 -21.28 23.95 22.01
CA TRP B 60 -22.55 23.60 21.39
C TRP B 60 -23.71 24.18 22.19
N ALA B 61 -23.64 24.12 23.51
CA ALA B 61 -24.65 24.77 24.33
C ALA B 61 -24.67 26.28 24.05
N LYS B 62 -23.51 26.92 24.06
CA LYS B 62 -23.47 28.37 23.82
C LYS B 62 -24.08 28.70 22.46
N ALA B 63 -23.74 27.92 21.43
CA ALA B 63 -24.34 28.16 20.13
C ALA B 63 -25.82 27.82 20.13
N ARG B 64 -26.21 26.79 20.87
CA ARG B 64 -27.64 26.46 20.93
C ARG B 64 -28.41 27.53 21.69
N ASP B 65 -27.84 28.08 22.77
CA ASP B 65 -28.48 29.19 23.47
C ASP B 65 -28.53 30.46 22.65
N GLU B 66 -27.61 30.64 21.71
CA GLU B 66 -27.60 31.80 20.82
C GLU B 66 -28.38 31.53 19.54
N SER B 67 -28.96 30.34 19.39
CA SER B 67 -29.77 29.98 18.23
C SER B 67 -28.94 29.95 16.94
N GLU B 68 -27.73 29.41 17.03
CA GLU B 68 -26.79 29.44 15.91
C GLU B 68 -26.35 28.05 15.49
N LEU B 69 -27.25 27.07 15.55
CA LEU B 69 -26.92 25.71 15.17
C LEU B 69 -27.38 25.43 13.75
N THR B 70 -26.60 24.60 13.04
CA THR B 70 -27.07 24.01 11.80
C THR B 70 -28.05 22.87 12.09
N SER B 71 -28.70 22.38 11.05
CA SER B 71 -29.56 21.21 11.21
C SER B 71 -28.78 20.03 11.75
N ALA B 72 -27.63 19.73 11.15
CA ALA B 72 -26.79 18.66 11.69
C ALA B 72 -26.30 19.01 13.08
N GLY B 73 -26.08 20.30 13.35
CA GLY B 73 -25.67 20.73 14.67
C GLY B 73 -26.68 20.39 15.74
N GLN B 74 -27.97 20.30 15.38
CA GLN B 74 -28.97 19.94 16.38
C GLN B 74 -28.70 18.57 16.98
N ASP B 75 -28.15 17.63 16.19
CA ASP B 75 -27.82 16.31 16.70
C ASP B 75 -26.42 16.21 17.30
N PHE B 76 -25.61 17.27 17.20
CA PHE B 76 -24.24 17.16 17.71
C PHE B 76 -24.21 16.98 19.22
N GLY B 77 -25.03 17.75 19.94
CA GLY B 77 -25.10 17.66 21.39
C GLY B 77 -25.42 16.26 21.86
N PRO B 78 -26.55 15.71 21.42
CA PRO B 78 -26.90 14.33 21.81
C PRO B 78 -25.86 13.30 21.39
N THR B 79 -25.29 13.44 20.20
CA THR B 79 -24.28 12.49 19.74
C THR B 79 -23.03 12.56 20.61
N MET B 80 -22.52 13.76 20.83
CA MET B 80 -21.31 13.89 21.63
C MET B 80 -21.52 13.48 23.08
N GLU B 81 -22.72 13.69 23.64
CA GLU B 81 -22.99 13.17 24.97
C GLU B 81 -22.91 11.65 24.99
N SER B 82 -23.52 11.01 24.00
CA SER B 82 -23.52 9.55 23.93
C SER B 82 -22.10 9.03 23.74
N TYR B 83 -21.35 9.65 22.84
CA TYR B 83 -19.97 9.25 22.59
C TYR B 83 -19.11 9.39 23.84
N ARG B 84 -19.22 10.54 24.52
CA ARG B 84 -18.51 10.73 25.78
C ARG B 84 -18.86 9.64 26.79
N ALA B 85 -20.15 9.29 26.89
CA ALA B 85 -20.55 8.29 27.88
C ALA B 85 -19.97 6.91 27.55
N ALA B 86 -19.97 6.53 26.28
CA ALA B 86 -19.32 5.27 25.92
C ALA B 86 -17.84 5.29 26.29
N ILE B 87 -17.17 6.42 26.06
CA ILE B 87 -15.74 6.50 26.36
C ILE B 87 -15.51 6.35 27.86
N GLN B 88 -16.38 6.96 28.67
CA GLN B 88 -16.26 6.86 30.12
C GLN B 88 -16.50 5.42 30.60
N LYS B 89 -17.49 4.73 30.01
CA LYS B 89 -17.77 3.36 30.42
C LYS B 89 -16.59 2.44 30.16
N VAL B 90 -15.91 2.63 29.03
CA VAL B 90 -14.71 1.86 28.75
C VAL B 90 -13.57 2.28 29.66
N GLY B 91 -13.49 3.57 29.94
CA GLY B 91 -12.38 4.12 30.68
C GLY B 91 -11.44 4.89 29.76
N LEU B 92 -10.89 5.97 30.28
CA LEU B 92 -10.00 6.82 29.49
C LEU B 92 -8.67 6.10 29.26
N GLY B 93 -8.21 6.12 28.01
CA GLY B 93 -6.95 5.48 27.66
C GLY B 93 -6.93 3.99 27.87
N GLN B 94 -8.09 3.35 27.84
CA GLN B 94 -8.19 1.91 28.01
C GLN B 94 -8.49 1.24 26.68
N GLU B 95 -8.25 -0.06 26.65
CA GLU B 95 -8.48 -0.89 25.46
C GLU B 95 -9.97 -1.03 25.17
N THR B 96 -10.32 -0.95 23.88
CA THR B 96 -11.67 -1.14 23.38
C THR B 96 -11.90 -2.60 22.97
N GLY B 97 -13.16 -2.91 22.64
CA GLY B 97 -13.46 -4.23 22.14
C GLY B 97 -12.65 -4.56 20.91
N ARG B 98 -12.44 -3.55 20.03
CA ARG B 98 -11.61 -3.75 18.84
C ARG B 98 -10.16 -4.03 19.20
N GLY B 99 -9.63 -3.31 20.21
CA GLY B 99 -8.29 -3.64 20.69
C GLY B 99 -8.17 -5.11 21.10
N ARG B 100 -9.20 -5.65 21.74
CA ARG B 100 -9.16 -7.05 22.11
C ARG B 100 -9.12 -7.94 20.89
N GLN B 101 -9.96 -7.66 19.89
CA GLN B 101 -9.98 -8.47 18.68
C GLN B 101 -8.64 -8.40 17.95
N GLU B 102 -7.99 -7.24 17.95
CA GLU B 102 -6.71 -7.11 17.26
C GLU B 102 -5.67 -8.07 17.82
N LEU B 103 -5.51 -8.07 19.14
CA LEU B 103 -4.49 -8.88 19.75
C LEU B 103 -4.84 -10.37 19.68
N GLN B 104 -6.13 -10.69 19.73
CA GLN B 104 -6.52 -12.09 19.55
C GLN B 104 -6.13 -12.60 18.17
N GLY B 105 -6.32 -11.76 17.14
CA GLY B 105 -5.94 -12.18 15.79
C GLY B 105 -4.45 -12.33 15.64
N MET B 106 -3.68 -11.46 16.27
CA MET B 106 -2.22 -11.61 16.28
C MET B 106 -1.79 -12.90 16.96
N ALA B 107 -2.45 -13.25 18.06
CA ALA B 107 -2.14 -14.53 18.71
C ALA B 107 -2.51 -15.67 17.77
N ASP B 108 -3.71 -15.61 17.17
CA ASP B 108 -4.15 -16.67 16.28
C ASP B 108 -3.14 -16.94 15.19
N ARG B 109 -2.67 -15.86 14.54
CA ARG B 109 -1.79 -16.03 13.39
C ARG B 109 -0.40 -16.49 13.81
N MET B 110 0.11 -16.04 14.96
CA MET B 110 1.37 -16.56 15.46
C MET B 110 1.27 -18.07 15.65
N GLN B 111 0.20 -18.53 16.30
CA GLN B 111 0.06 -19.96 16.54
C GLN B 111 -0.17 -20.73 15.25
N ARG B 112 -0.86 -20.13 14.27
CA ARG B 112 -1.12 -20.84 13.02
C ARG B 112 0.13 -20.88 12.17
N ARG B 113 1.01 -19.90 12.30
CA ARG B 113 2.19 -19.84 11.44
C ARG B 113 3.38 -20.62 12.01
N LEU B 114 3.39 -20.94 13.31
CA LEU B 114 4.52 -21.62 13.94
C LEU B 114 4.07 -22.85 14.72
N PRO B 115 3.27 -23.72 14.11
CA PRO B 115 2.75 -24.87 14.87
C PRO B 115 3.84 -25.78 15.40
N GLU B 116 4.95 -25.90 14.67
CA GLU B 116 6.05 -26.75 15.12
C GLU B 116 6.80 -26.12 16.28
N LEU B 117 6.81 -24.80 16.38
CA LEU B 117 7.46 -24.18 17.54
C LEU B 117 6.66 -24.46 18.82
N PHE B 118 5.34 -24.26 18.79
CA PHE B 118 4.57 -24.46 19.99
C PHE B 118 4.41 -25.94 20.30
N GLU B 119 4.32 -26.79 19.27
CA GLU B 119 4.36 -28.23 19.53
C GLU B 119 5.60 -28.59 20.32
N LYS B 120 6.73 -27.94 20.04
CA LYS B 120 7.98 -28.24 20.70
C LYS B 120 8.16 -27.47 22.02
N ILE B 121 7.59 -26.28 22.14
CA ILE B 121 7.60 -25.59 23.42
C ILE B 121 6.95 -26.47 24.49
N LYS B 122 5.81 -27.08 24.17
CA LYS B 122 5.16 -27.98 25.12
C LYS B 122 6.01 -29.20 25.39
N LYS B 123 6.61 -29.77 24.33
CA LYS B 123 7.38 -30.99 24.50
C LYS B 123 8.55 -30.78 25.45
N ASP B 124 9.16 -29.58 25.41
CA ASP B 124 10.33 -29.28 26.24
C ASP B 124 10.01 -28.36 27.41
N ALA B 125 8.74 -28.03 27.63
CA ALA B 125 8.32 -27.20 28.75
C ALA B 125 9.12 -25.90 28.82
N THR B 126 9.34 -25.26 27.64
CA THR B 126 10.10 -24.02 27.63
C THR B 126 9.18 -22.85 27.96
N PRO B 127 9.71 -21.81 28.59
CA PRO B 127 8.84 -20.70 29.00
C PRO B 127 8.55 -19.75 27.85
N ILE B 128 7.38 -19.12 27.95
CA ILE B 128 6.99 -18.00 27.11
C ILE B 128 7.00 -16.76 27.99
N ALA B 129 7.95 -15.86 27.72
CA ALA B 129 8.14 -14.69 28.57
C ALA B 129 7.20 -13.57 28.13
N VAL B 130 6.81 -12.75 29.11
CA VAL B 130 5.93 -11.61 28.85
C VAL B 130 6.56 -10.40 29.55
N VAL B 131 6.84 -9.36 28.77
CA VAL B 131 7.51 -8.16 29.24
C VAL B 131 6.64 -6.96 28.92
N LEU B 132 6.51 -6.06 29.89
CA LEU B 132 5.59 -4.94 29.80
C LEU B 132 6.32 -3.65 30.13
N SER B 133 5.81 -2.55 29.56
CA SER B 133 6.28 -1.23 29.96
C SER B 133 5.66 -0.77 31.26
N GLN B 134 4.45 -1.27 31.57
CA GLN B 134 3.63 -0.86 32.70
C GLN B 134 2.89 -2.09 33.20
N GLN B 135 2.59 -2.11 34.50
CA GLN B 135 1.94 -3.24 35.13
C GLN B 135 0.41 -3.16 35.12
N THR B 136 -0.18 -1.98 34.86
CA THR B 136 -1.63 -1.86 34.77
C THR B 136 -1.99 -1.06 33.53
N GLY B 137 -3.26 -1.06 33.19
CA GLY B 137 -3.74 -0.20 32.10
C GLY B 137 -3.71 -0.92 30.77
N ARG B 138 -3.73 -0.12 29.70
CA ARG B 138 -3.90 -0.69 28.37
C ARG B 138 -2.73 -1.60 27.96
N ILE B 139 -1.51 -1.32 28.46
CA ILE B 139 -0.39 -2.22 28.17
C ILE B 139 -0.67 -3.60 28.76
N ALA B 140 -1.03 -3.64 30.05
CA ALA B 140 -1.23 -4.93 30.72
C ALA B 140 -2.43 -5.66 30.13
N ASP B 141 -3.51 -4.93 29.84
CA ASP B 141 -4.68 -5.54 29.24
C ASP B 141 -4.36 -6.10 27.86
N THR B 142 -3.54 -5.39 27.08
CA THR B 142 -3.16 -5.87 25.76
C THR B 142 -2.42 -7.20 25.87
N ALA B 143 -1.44 -7.27 26.78
CA ALA B 143 -0.67 -8.49 26.95
C ALA B 143 -1.59 -9.67 27.27
N LYS B 144 -2.58 -9.43 28.12
CA LYS B 144 -3.49 -10.50 28.54
C LYS B 144 -4.42 -10.94 27.40
N PHE B 145 -4.89 -10.00 26.58
CA PHE B 145 -5.62 -10.40 25.37
C PHE B 145 -4.84 -11.46 24.63
N PHE B 146 -3.54 -11.21 24.47
CA PHE B 146 -2.69 -12.06 23.64
C PHE B 146 -2.47 -13.41 24.32
N THR B 147 -2.03 -13.40 25.57
CA THR B 147 -1.68 -14.64 26.25
C THR B 147 -2.93 -15.45 26.60
N ALA B 148 -4.03 -14.78 26.95
CA ALA B 148 -5.29 -15.51 27.12
C ALA B 148 -5.74 -16.21 25.84
N ARG B 149 -5.46 -15.61 24.69
CA ARG B 149 -5.82 -16.25 23.43
C ARG B 149 -4.91 -17.46 23.17
N LEU B 150 -3.62 -17.32 23.42
CA LEU B 150 -2.71 -18.46 23.28
C LEU B 150 -3.22 -19.67 24.08
N GLY B 151 -3.61 -19.43 25.34
CA GLY B 151 -4.03 -20.52 26.22
C GLY B 151 -5.41 -21.06 25.94
N ALA B 152 -6.30 -20.22 25.40
CA ALA B 152 -7.62 -20.69 25.00
C ALA B 152 -7.52 -21.65 23.83
N THR B 153 -6.72 -21.29 22.83
CA THR B 153 -6.53 -22.13 21.66
C THR B 153 -5.73 -23.38 22.01
N ASP B 154 -4.82 -23.29 22.97
CA ASP B 154 -3.94 -24.40 23.32
C ASP B 154 -3.78 -24.43 24.83
N PRO B 155 -4.71 -25.05 25.54
CA PRO B 155 -4.60 -25.06 27.01
C PRO B 155 -3.29 -25.64 27.52
N ALA B 156 -2.67 -26.56 26.78
CA ALA B 156 -1.38 -27.10 27.23
C ALA B 156 -0.30 -26.04 27.28
N LEU B 157 -0.49 -24.92 26.58
CA LEU B 157 0.48 -23.82 26.63
C LEU B 157 0.37 -23.01 27.90
N ALA B 158 -0.83 -22.90 28.47
CA ALA B 158 -1.08 -21.95 29.55
C ALA B 158 -0.04 -22.03 30.66
N PRO B 159 0.32 -23.20 31.18
CA PRO B 159 1.28 -23.24 32.30
C PRO B 159 2.68 -22.78 31.94
N LEU B 160 3.03 -22.65 30.66
CA LEU B 160 4.36 -22.19 30.29
C LEU B 160 4.44 -20.68 30.07
N ILE B 161 3.31 -19.98 30.01
CA ILE B 161 3.33 -18.54 29.83
C ILE B 161 3.65 -17.90 31.19
N GLN B 162 4.76 -17.15 31.23
CA GLN B 162 5.20 -16.59 32.50
C GLN B 162 4.33 -15.42 32.93
N GLN B 163 4.31 -15.19 34.23
CA GLN B 163 3.71 -13.97 34.73
C GLN B 163 4.51 -12.79 34.16
N PRO B 164 3.84 -11.68 33.90
CA PRO B 164 4.53 -10.55 33.25
C PRO B 164 5.56 -9.93 34.15
N VAL B 165 6.63 -9.43 33.52
CA VAL B 165 7.61 -8.58 34.19
C VAL B 165 7.60 -7.21 33.53
N VAL B 166 7.92 -6.19 34.32
CA VAL B 166 8.02 -4.82 33.86
C VAL B 166 9.48 -4.50 33.60
N ASP B 167 9.76 -3.94 32.42
CA ASP B 167 11.11 -3.49 32.05
C ASP B 167 10.98 -2.14 31.35
N GLN B 168 11.05 -1.06 32.13
CA GLN B 168 10.82 0.24 31.53
C GLN B 168 12.03 0.77 30.77
N ASP B 169 13.25 0.33 31.12
CA ASP B 169 14.38 0.72 30.29
C ASP B 169 14.24 0.15 28.89
N LEU B 170 13.79 -1.11 28.78
CA LEU B 170 13.60 -1.75 27.49
C LEU B 170 12.37 -1.22 26.77
N LEU B 171 11.25 -1.02 27.48
CA LEU B 171 9.96 -0.80 26.84
C LEU B 171 9.36 0.55 27.17
N TYR B 172 10.09 1.43 27.85
CA TYR B 172 9.55 2.73 28.19
C TYR B 172 10.65 3.78 28.13
N PHE B 173 11.60 3.60 27.22
CA PHE B 173 12.80 4.41 27.27
C PHE B 173 12.55 5.87 26.96
N HIS B 174 11.50 6.21 26.21
CA HIS B 174 11.27 7.63 25.97
C HIS B 174 10.94 8.41 27.24
N LYS B 175 10.61 7.74 28.34
CA LYS B 175 10.30 8.44 29.57
C LYS B 175 11.28 8.13 30.69
N THR B 176 12.24 7.23 30.48
CA THR B 176 13.21 6.90 31.49
C THR B 176 14.48 7.71 31.25
N GLU B 177 15.54 7.39 31.99
CA GLU B 177 16.73 8.23 31.94
C GLU B 177 17.44 8.05 30.60
N ARG B 178 17.21 6.91 29.93
CA ARG B 178 17.82 6.69 28.62
C ARG B 178 17.24 7.58 27.54
N GLY B 179 16.06 8.16 27.76
CA GLY B 179 15.49 9.14 26.86
C GLY B 179 15.73 10.57 27.30
N LYS B 180 16.65 10.77 28.25
CA LYS B 180 16.85 12.10 28.81
C LYS B 180 17.35 13.06 27.74
N ALA B 181 18.38 12.67 27.00
CA ALA B 181 18.87 13.51 25.90
C ALA B 181 17.73 13.86 24.95
N TYR B 182 16.95 12.84 24.56
CA TYR B 182 15.84 13.06 23.63
C TYR B 182 14.84 14.07 24.18
N ARG B 183 14.48 13.95 25.45
CA ARG B 183 13.54 14.90 26.03
C ARG B 183 14.14 16.31 26.11
N ASP B 184 15.43 16.41 26.42
CA ASP B 184 16.07 17.72 26.43
C ASP B 184 16.08 18.33 25.03
N TYR B 185 16.31 17.50 24.02
CA TYR B 185 16.23 17.95 22.63
C TYR B 185 14.86 18.55 22.32
N LEU B 186 13.78 17.82 22.66
CA LEU B 186 12.44 18.35 22.43
C LEU B 186 12.23 19.68 23.14
N GLU B 187 12.73 19.79 24.37
CA GLU B 187 12.51 20.98 25.18
C GLU B 187 13.25 22.20 24.63
N ASN B 188 14.44 22.00 24.07
CA ASN B 188 15.35 23.12 23.88
C ASN B 188 15.90 23.28 22.47
N ASP B 189 15.88 22.26 21.63
CA ASP B 189 16.50 22.39 20.33
C ASP B 189 15.69 23.37 19.48
N GLN B 190 16.28 24.50 19.11
CA GLN B 190 15.51 25.54 18.44
C GLN B 190 15.19 25.20 16.99
N ARG B 191 16.05 24.45 16.29
CA ARG B 191 15.67 24.00 14.96
C ARG B 191 14.40 23.15 15.02
N TYR B 192 14.33 22.25 15.99
CA TYR B 192 13.14 21.43 16.12
C TYR B 192 11.90 22.29 16.35
N GLN B 193 11.97 23.25 17.27
CA GLN B 193 10.77 24.02 17.54
C GLN B 193 10.45 25.02 16.43
N GLU B 194 11.46 25.55 15.73
CA GLU B 194 11.17 26.33 14.54
C GLU B 194 10.44 25.48 13.50
N THR B 195 10.87 24.24 13.31
CA THR B 195 10.20 23.37 12.35
C THR B 195 8.76 23.08 12.79
N VAL B 196 8.56 22.73 14.07
CA VAL B 196 7.21 22.47 14.54
C VAL B 196 6.32 23.69 14.36
N LYS B 197 6.89 24.88 14.61
CA LYS B 197 6.13 26.12 14.44
C LYS B 197 5.71 26.32 12.98
N ARG B 198 6.60 26.04 12.03
CA ARG B 198 6.22 26.09 10.64
C ARG B 198 5.03 25.18 10.39
N ILE B 199 5.09 23.95 10.91
CA ILE B 199 4.00 23.01 10.68
C ILE B 199 2.71 23.53 11.29
N LYS B 200 2.78 24.03 12.52
CA LYS B 200 1.57 24.57 13.13
C LYS B 200 1.03 25.78 12.38
N ASN B 201 1.86 26.48 11.60
CA ASN B 201 1.42 27.68 10.90
C ASN B 201 1.18 27.46 9.41
N ARG B 202 1.14 26.22 8.95
CA ARG B 202 0.90 25.97 7.54
C ARG B 202 -0.43 26.59 7.11
N ASP B 203 -0.43 27.27 5.96
CA ASP B 203 -1.65 27.87 5.45
C ASP B 203 -2.64 26.76 5.10
N GLY B 204 -3.88 26.93 5.55
CA GLY B 204 -4.93 25.97 5.33
C GLY B 204 -5.55 25.45 6.61
N THR B 205 -4.80 25.47 7.71
CA THR B 205 -5.37 25.02 8.98
C THR B 205 -6.58 25.88 9.35
N ARG B 206 -6.45 27.20 9.23
CA ARG B 206 -7.58 28.06 9.54
C ARG B 206 -8.81 27.67 8.72
N GLU B 207 -8.64 27.38 7.42
CA GLU B 207 -9.79 27.04 6.60
C GLU B 207 -10.37 25.68 7.00
N ALA B 208 -9.51 24.69 7.22
CA ALA B 208 -9.97 23.37 7.63
C ALA B 208 -10.73 23.45 8.96
N ALA B 209 -10.17 24.18 9.92
CA ALA B 209 -10.79 24.29 11.25
C ALA B 209 -12.17 24.93 11.17
N THR B 210 -12.30 26.01 10.38
CA THR B 210 -13.59 26.67 10.25
C THR B 210 -14.58 25.76 9.54
N ASP B 211 -14.12 25.01 8.53
CA ASP B 211 -14.99 24.07 7.83
C ASP B 211 -15.53 22.99 8.78
N ILE B 212 -14.71 22.54 9.73
CA ILE B 212 -15.19 21.56 10.70
C ILE B 212 -16.32 22.19 11.53
N LEU B 213 -16.04 23.34 12.15
CA LEU B 213 -17.03 23.94 13.02
C LEU B 213 -18.31 24.33 12.26
N LYS B 214 -18.22 24.61 10.96
CA LYS B 214 -19.39 25.03 10.21
C LYS B 214 -20.33 23.88 9.88
N THR B 215 -19.93 22.64 10.14
CA THR B 215 -20.88 21.54 10.05
C THR B 215 -21.93 21.65 11.13
N ILE B 216 -21.57 22.25 12.27
CA ILE B 216 -22.42 22.28 13.45
C ILE B 216 -22.94 23.68 13.75
N PHE B 217 -22.11 24.70 13.54
CA PHE B 217 -22.42 26.09 13.89
C PHE B 217 -22.55 26.95 12.63
N THR B 218 -23.35 28.00 12.73
CA THR B 218 -23.47 28.98 11.65
C THR B 218 -22.17 29.76 11.46
N PRO B 219 -21.92 30.27 10.25
CA PRO B 219 -20.74 31.12 10.05
C PRO B 219 -20.69 32.35 10.94
N ALA B 220 -21.84 32.94 11.28
CA ALA B 220 -21.84 34.06 12.21
C ALA B 220 -21.29 33.64 13.57
N PHE B 221 -21.61 32.42 13.99
CA PHE B 221 -21.13 31.96 15.28
C PHE B 221 -19.62 31.67 15.23
N VAL B 222 -19.16 31.00 14.17
CA VAL B 222 -17.74 30.68 14.07
C VAL B 222 -16.91 31.95 13.94
N GLU B 223 -17.42 32.95 13.21
CA GLU B 223 -16.62 34.15 13.02
C GLU B 223 -16.49 34.96 14.30
N ARG B 224 -17.42 34.83 15.24
CA ARG B 224 -17.32 35.51 16.52
C ARG B 224 -16.44 34.79 17.53
N MET B 225 -15.94 33.60 17.22
CA MET B 225 -15.01 32.90 18.08
C MET B 225 -13.61 33.45 17.90
N GLU B 226 -12.80 33.36 18.96
CA GLU B 226 -11.42 33.81 18.79
C GLU B 226 -10.63 32.82 17.94
N PRO B 227 -9.58 33.28 17.25
CA PRO B 227 -8.84 32.37 16.35
C PRO B 227 -8.30 31.14 17.04
N SER B 228 -7.76 31.29 18.25
CA SER B 228 -7.27 30.15 19.00
C SER B 228 -8.42 29.21 19.38
N ALA B 229 -9.55 29.77 19.80
CA ALA B 229 -10.71 28.94 20.16
C ALA B 229 -11.17 28.08 18.98
N VAL B 230 -11.12 28.66 17.78
CA VAL B 230 -11.52 27.90 16.59
C VAL B 230 -10.63 26.68 16.42
N THR B 231 -9.32 26.88 16.38
CA THR B 231 -8.43 25.74 16.13
C THR B 231 -8.45 24.76 17.30
N LYS B 232 -8.65 25.24 18.53
CA LYS B 232 -8.75 24.32 19.66
C LYS B 232 -9.92 23.37 19.48
N ALA B 233 -11.11 23.93 19.25
CA ALA B 233 -12.32 23.11 19.15
C ALA B 233 -12.27 22.22 17.93
N ALA B 234 -11.82 22.76 16.79
CA ALA B 234 -11.74 21.93 15.59
C ALA B 234 -10.76 20.77 15.78
N GLN B 235 -9.61 21.05 16.39
CA GLN B 235 -8.66 19.97 16.66
C GLN B 235 -9.32 18.90 17.53
N ALA B 236 -10.07 19.31 18.56
CA ALA B 236 -10.68 18.33 19.44
C ALA B 236 -11.68 17.46 18.68
N LEU B 237 -12.47 18.07 17.80
CA LEU B 237 -13.46 17.31 17.05
C LEU B 237 -12.80 16.40 16.03
N TYR B 238 -11.75 16.88 15.36
CA TYR B 238 -11.00 16.00 14.47
C TYR B 238 -10.46 14.81 15.24
N ASP B 239 -9.86 15.08 16.40
CA ASP B 239 -9.28 14.01 17.20
C ASP B 239 -10.32 12.99 17.62
N LEU B 240 -11.49 13.45 18.06
CA LEU B 240 -12.53 12.53 18.49
C LEU B 240 -13.11 11.76 17.31
N ASP B 241 -13.20 12.40 16.15
CA ASP B 241 -13.59 11.68 14.96
C ASP B 241 -12.51 10.67 14.55
N ALA B 242 -11.24 11.06 14.65
CA ALA B 242 -10.13 10.20 14.22
C ALA B 242 -10.04 8.93 15.04
N ILE B 243 -10.36 9.01 16.34
CA ILE B 243 -10.26 7.83 17.18
C ILE B 243 -11.55 7.01 17.19
N ALA B 244 -12.63 7.51 16.59
CA ALA B 244 -13.91 6.77 16.62
C ALA B 244 -13.79 5.36 16.06
N PRO B 245 -13.03 5.09 15.00
CA PRO B 245 -12.88 3.69 14.57
C PRO B 245 -12.38 2.77 15.69
N ASP B 246 -11.61 3.29 16.66
CA ASP B 246 -11.15 2.46 17.77
C ASP B 246 -12.31 1.92 18.60
N LEU B 247 -13.44 2.63 18.60
CA LEU B 247 -14.65 2.28 19.34
C LEU B 247 -15.75 1.66 18.47
N SER B 248 -15.37 1.04 17.34
CA SER B 248 -16.36 0.43 16.46
C SER B 248 -17.19 -0.66 17.15
N VAL B 249 -16.61 -1.41 18.08
CA VAL B 249 -17.40 -2.43 18.77
C VAL B 249 -18.42 -1.77 19.68
N GLU B 250 -18.04 -0.67 20.31
CA GLU B 250 -18.93 -0.02 21.27
C GLU B 250 -20.06 0.73 20.57
N GLY B 251 -19.87 1.18 19.34
CA GLY B 251 -20.95 1.86 18.66
C GLY B 251 -20.48 2.58 17.42
N ASN B 252 -21.44 3.22 16.76
CA ASN B 252 -21.19 4.03 15.57
C ASN B 252 -21.93 5.34 15.74
N TRP B 253 -21.19 6.42 15.99
CA TRP B 253 -21.74 7.74 16.24
C TRP B 253 -21.72 8.64 15.01
N HIS B 254 -21.24 8.11 13.88
CA HIS B 254 -21.26 8.84 12.62
C HIS B 254 -20.68 10.25 12.77
N LEU B 255 -19.51 10.32 13.41
CA LEU B 255 -18.91 11.63 13.64
C LEU B 255 -18.37 12.25 12.36
N ASP B 256 -18.35 11.53 11.24
CA ASP B 256 -17.90 12.15 10.00
C ASP B 256 -18.90 13.17 9.48
N ARG B 257 -20.15 13.11 9.96
CA ARG B 257 -21.09 14.20 9.74
C ARG B 257 -20.51 15.56 10.12
N PHE B 258 -19.64 15.59 11.12
CA PHE B 258 -19.16 16.85 11.69
C PHE B 258 -17.73 17.18 11.31
N VAL B 259 -17.06 16.34 10.52
CA VAL B 259 -15.69 16.63 10.08
C VAL B 259 -15.62 16.34 8.59
N PRO B 260 -15.61 17.35 7.73
CA PRO B 260 -15.45 17.10 6.30
C PRO B 260 -14.20 16.27 6.04
N ARG B 261 -14.29 15.37 5.06
CA ARG B 261 -13.17 14.48 4.75
C ARG B 261 -11.91 15.27 4.40
N HIS B 262 -12.05 16.38 3.67
CA HIS B 262 -10.85 17.17 3.33
C HIS B 262 -10.21 17.76 4.58
N ALA B 263 -11.02 18.23 5.53
CA ALA B 263 -10.48 18.72 6.80
C ALA B 263 -9.80 17.59 7.57
N ALA B 264 -10.41 16.39 7.60
CA ALA B 264 -9.74 15.26 8.25
C ALA B 264 -8.42 14.96 7.56
N ALA B 265 -8.40 15.00 6.23
CA ALA B 265 -7.15 14.75 5.51
C ALA B 265 -6.11 15.78 5.89
N TRP B 266 -6.51 17.05 5.98
CA TRP B 266 -5.58 18.11 6.34
C TRP B 266 -5.02 17.86 7.73
N PHE B 267 -5.89 17.67 8.73
CA PHE B 267 -5.41 17.52 10.10
C PHE B 267 -4.57 16.26 10.26
N ALA B 268 -4.90 15.20 9.53
CA ALA B 268 -4.04 14.02 9.54
C ALA B 268 -2.62 14.38 9.08
N SER B 269 -2.50 15.19 8.03
CA SER B 269 -1.19 15.49 7.48
C SER B 269 -0.38 16.35 8.44
N ILE B 270 -1.05 17.22 9.21
CA ILE B 270 -0.37 18.01 10.23
C ILE B 270 0.12 17.10 11.36
N ASP B 271 -0.74 16.17 11.81
CA ASP B 271 -0.34 15.26 12.88
C ASP B 271 0.84 14.39 12.44
N ASP B 272 0.84 13.94 11.19
CA ASP B 272 1.95 13.12 10.74
C ASP B 272 3.23 13.95 10.67
N ALA B 273 3.13 15.20 10.22
CA ALA B 273 4.32 16.04 10.16
C ALA B 273 4.91 16.25 11.56
N LYS B 274 4.08 16.65 12.52
CA LYS B 274 4.60 16.82 13.87
C LYS B 274 5.23 15.53 14.39
N SER B 275 4.58 14.38 14.16
CA SER B 275 5.09 13.12 14.70
C SER B 275 6.38 12.69 14.02
N PHE B 276 6.51 12.96 12.72
CA PHE B 276 7.73 12.59 12.01
C PHE B 276 8.96 13.21 12.67
N TYR B 277 8.89 14.48 13.01
CA TYR B 277 10.01 15.13 13.66
C TYR B 277 10.09 14.79 15.14
N LYS B 278 8.96 14.70 15.83
CA LYS B 278 9.01 14.48 17.27
C LYS B 278 9.48 13.06 17.59
N LYS B 279 9.03 12.07 16.82
CA LYS B 279 9.24 10.67 17.17
C LYS B 279 9.87 9.82 16.07
N GLY B 280 9.70 10.22 14.81
CA GLY B 280 10.16 9.42 13.70
C GLY B 280 11.56 9.75 13.25
N PRO B 281 11.85 9.53 11.95
CA PRO B 281 13.24 9.68 11.48
C PRO B 281 13.83 11.06 11.67
N GLY B 282 13.02 12.11 11.66
CA GLY B 282 13.60 13.40 12.03
C GLY B 282 14.54 13.94 10.97
N PHE B 283 15.52 14.73 11.42
CA PHE B 283 16.39 15.48 10.50
C PHE B 283 17.56 14.63 10.02
N GLU B 284 17.85 14.76 8.72
CA GLU B 284 19.02 14.14 8.10
C GLU B 284 20.24 14.28 8.99
N GLY B 285 20.92 13.16 9.26
CA GLY B 285 22.15 13.18 10.00
C GLY B 285 22.03 13.07 11.51
N SER B 286 20.84 13.12 12.07
CA SER B 286 20.69 13.10 13.53
C SER B 286 19.93 11.86 13.95
N ASP B 287 20.40 11.22 15.03
CA ASP B 287 19.71 10.06 15.58
C ASP B 287 19.09 10.37 16.94
N ILE B 288 18.94 11.65 17.29
CA ILE B 288 18.44 12.04 18.61
C ILE B 288 17.07 11.43 18.88
N THR B 289 16.25 11.28 17.84
CA THR B 289 14.88 10.81 18.08
C THR B 289 14.80 9.30 18.26
N PHE B 290 15.83 8.54 17.88
CA PHE B 290 15.68 7.09 17.89
C PHE B 290 16.90 6.32 18.39
N ALA B 291 18.01 6.96 18.73
CA ALA B 291 19.13 6.21 19.27
C ALA B 291 18.73 5.49 20.56
N MET B 292 17.79 6.06 21.32
CA MET B 292 17.36 5.44 22.58
C MET B 292 16.73 4.07 22.37
N ALA B 293 16.22 3.78 21.18
CA ALA B 293 15.63 2.48 20.91
C ALA B 293 16.68 1.39 20.70
N SER B 294 17.97 1.74 20.72
CA SER B 294 18.99 0.71 20.56
C SER B 294 18.86 -0.40 21.60
N ILE B 295 18.40 -0.09 22.81
CA ILE B 295 18.24 -1.14 23.82
C ILE B 295 17.27 -2.21 23.33
N LEU B 296 16.21 -1.80 22.63
CA LEU B 296 15.20 -2.74 22.17
C LEU B 296 15.68 -3.53 20.94
N LEU B 297 16.30 -2.86 19.98
CA LEU B 297 16.94 -3.59 18.89
C LEU B 297 17.97 -4.56 19.43
N ASP B 298 18.82 -4.10 20.36
CA ASP B 298 19.77 -4.98 21.03
C ASP B 298 19.09 -6.21 21.60
N ASP B 299 17.91 -6.03 22.19
CA ASP B 299 17.24 -7.14 22.84
C ASP B 299 16.73 -8.15 21.82
N PHE B 300 16.33 -7.70 20.63
CA PHE B 300 15.92 -8.65 19.62
C PHE B 300 17.06 -9.57 19.26
N PHE B 301 18.27 -9.03 19.19
CA PHE B 301 19.43 -9.85 18.88
C PHE B 301 19.76 -10.77 20.05
N LYS B 302 19.73 -10.24 21.28
CA LYS B 302 20.18 -11.04 22.40
C LYS B 302 19.23 -12.19 22.68
N GLN B 303 17.92 -11.95 22.57
CA GLN B 303 16.97 -13.05 22.72
C GLN B 303 17.16 -14.08 21.63
N ALA B 304 17.41 -13.62 20.39
CA ALA B 304 17.68 -14.57 19.31
C ALA B 304 18.94 -15.37 19.58
N GLU B 305 20.02 -14.68 19.95
CA GLU B 305 21.28 -15.37 20.22
C GLU B 305 21.13 -16.36 21.38
N ALA B 306 20.35 -15.97 22.40
CA ALA B 306 20.11 -16.84 23.55
C ALA B 306 19.26 -18.05 23.21
N ALA B 307 18.29 -17.89 22.31
CA ALA B 307 17.41 -19.01 21.98
C ALA B 307 18.17 -20.16 21.35
N ARG B 308 19.40 -19.93 20.90
CA ARG B 308 20.20 -21.03 20.36
C ARG B 308 20.53 -22.05 21.44
N ALA B 309 20.72 -21.57 22.69
CA ALA B 309 20.97 -22.47 23.82
C ALA B 309 19.70 -23.25 24.15
N GLY B 310 18.60 -22.92 23.47
CA GLY B 310 17.39 -23.74 23.47
C GLY B 310 16.59 -23.75 24.77
N LYS B 311 16.65 -22.68 25.58
CA LYS B 311 15.95 -22.70 26.87
C LYS B 311 14.67 -21.88 26.91
N LEU B 312 14.48 -20.91 26.02
CA LEU B 312 13.24 -20.14 25.98
C LEU B 312 12.46 -20.42 24.69
N GLY B 313 11.15 -20.33 24.79
CA GLY B 313 10.27 -20.58 23.66
C GLY B 313 9.87 -19.32 22.91
N ALA B 314 9.54 -18.26 23.63
CA ALA B 314 9.07 -17.05 22.96
C ALA B 314 9.17 -15.89 23.94
N ASP B 315 9.32 -14.69 23.37
CA ASP B 315 9.46 -13.46 24.16
C ASP B 315 8.43 -12.47 23.62
N LEU B 316 7.47 -12.10 24.45
CA LEU B 316 6.35 -11.25 24.03
C LEU B 316 6.42 -9.94 24.80
N ARG B 317 6.67 -8.84 24.09
CA ARG B 317 6.85 -7.54 24.72
C ARG B 317 5.72 -6.60 24.29
N PHE B 318 5.27 -5.77 25.23
CA PHE B 318 4.15 -4.85 24.97
C PHE B 318 4.53 -3.44 25.46
N THR B 319 4.25 -2.43 24.63
CA THR B 319 4.85 -1.09 24.81
C THR B 319 3.96 -0.07 24.10
N HIS B 320 4.49 1.15 23.91
CA HIS B 320 3.74 2.25 23.32
C HIS B 320 4.30 2.60 21.95
N ALA B 321 3.54 3.42 21.21
CA ALA B 321 4.01 3.94 19.93
C ALA B 321 5.36 4.63 20.08
N GLU B 322 5.57 5.29 21.20
CA GLU B 322 6.80 6.05 21.42
C GLU B 322 8.02 5.14 21.53
N GLU B 323 7.84 3.82 21.61
CA GLU B 323 8.91 2.85 21.45
C GLU B 323 8.92 2.22 20.07
N ILE B 324 7.75 1.91 19.48
CA ILE B 324 7.73 1.30 18.16
C ILE B 324 8.30 2.26 17.11
N ILE B 325 7.86 3.53 17.14
CA ILE B 325 8.24 4.47 16.08
C ILE B 325 9.75 4.66 16.02
N PRO B 326 10.46 4.97 17.10
CA PRO B 326 11.93 5.07 17.01
C PRO B 326 12.60 3.74 16.68
N LEU B 327 12.05 2.61 17.13
CA LEU B 327 12.63 1.33 16.71
C LEU B 327 12.61 1.22 15.19
N ALA B 328 11.48 1.55 14.56
CA ALA B 328 11.38 1.43 13.10
C ALA B 328 12.35 2.38 12.39
N ALA B 329 12.54 3.59 12.94
CA ALA B 329 13.50 4.50 12.32
C ALA B 329 14.92 4.01 12.52
N LEU B 330 15.22 3.49 13.72
CA LEU B 330 16.54 2.93 13.97
C LEU B 330 16.87 1.83 12.98
N MET B 331 15.93 0.90 12.76
CA MET B 331 16.16 -0.24 11.87
C MET B 331 15.97 0.11 10.41
N GLN B 332 15.56 1.35 10.11
CA GLN B 332 15.22 1.75 8.74
C GLN B 332 14.16 0.83 8.12
N LEU B 333 13.10 0.55 8.88
CA LEU B 333 12.01 -0.26 8.36
C LEU B 333 11.28 0.47 7.24
N PRO B 334 10.53 -0.25 6.41
CA PRO B 334 9.82 0.41 5.31
C PRO B 334 8.88 1.49 5.86
N GLY B 335 8.97 2.68 5.27
CA GLY B 335 8.25 3.84 5.76
C GLY B 335 9.11 4.76 6.61
N SER B 336 10.17 4.24 7.22
CA SER B 336 10.96 5.00 8.18
C SER B 336 12.41 5.15 7.73
N GLU B 337 12.66 4.98 6.43
CA GLU B 337 14.02 4.99 5.90
C GLU B 337 14.47 6.34 5.38
N LYS B 338 13.62 7.37 5.38
CA LYS B 338 14.02 8.65 4.80
C LYS B 338 13.93 9.75 5.85
N GLN B 339 15.09 10.29 6.25
CA GLN B 339 15.07 11.46 7.09
C GLN B 339 14.84 12.71 6.24
N ALA B 340 14.46 13.79 6.90
CA ALA B 340 14.08 15.03 6.21
C ALA B 340 15.28 15.95 6.05
N ASP B 341 15.43 16.49 4.83
CA ASP B 341 16.30 17.63 4.56
C ASP B 341 15.93 18.80 5.48
N PRO B 342 16.85 19.30 6.30
CA PRO B 342 16.53 20.49 7.10
C PRO B 342 15.92 21.61 6.28
N ASP B 343 16.26 21.70 5.01
CA ASP B 343 15.80 22.80 4.16
C ASP B 343 14.64 22.41 3.26
N GLU B 344 14.04 21.25 3.47
CA GLU B 344 12.80 20.88 2.77
C GLU B 344 11.96 20.08 3.77
N ASP B 345 10.98 20.75 4.39
CA ASP B 345 10.15 20.16 5.43
C ASP B 345 9.38 18.93 4.91
N TYR B 346 9.16 17.98 5.81
CA TYR B 346 8.36 16.80 5.53
C TYR B 346 7.02 17.17 4.90
N THR B 347 6.64 16.45 3.84
CA THR B 347 5.28 16.46 3.33
C THR B 347 4.90 15.06 2.89
N TYR B 348 3.61 14.84 2.65
CA TYR B 348 3.19 13.54 2.12
C TYR B 348 3.84 13.27 0.77
N ALA B 349 4.13 14.31 0.01
CA ALA B 349 4.70 14.12 -1.31
C ALA B 349 6.18 13.69 -1.25
N ASN B 350 6.96 14.17 -0.29
CA ASN B 350 8.40 13.90 -0.33
C ASN B 350 8.85 12.87 0.71
N ASN B 351 7.93 12.25 1.45
CA ASN B 351 8.37 11.30 2.47
C ASN B 351 7.35 10.17 2.58
N PRO B 352 7.81 8.93 2.75
CA PRO B 352 6.86 7.80 2.85
C PRO B 352 6.32 7.57 4.26
N TRP B 353 6.87 8.24 5.27
CA TRP B 353 6.49 8.01 6.67
C TRP B 353 5.02 8.40 6.91
N ARG B 354 4.23 7.49 7.49
CA ARG B 354 2.86 7.77 7.92
C ARG B 354 2.61 7.13 9.28
N GLY B 355 1.93 7.83 10.17
CA GLY B 355 1.58 7.21 11.44
C GLY B 355 0.74 5.96 11.25
N ALA B 356 -0.16 5.95 10.26
CA ALA B 356 -1.08 4.84 10.07
C ALA B 356 -0.35 3.56 9.62
N SER B 357 0.78 3.69 8.95
CA SER B 357 1.46 2.48 8.51
C SER B 357 2.65 2.15 9.39
N VAL B 358 3.29 3.16 9.95
CA VAL B 358 4.44 2.96 10.82
C VAL B 358 3.97 2.54 12.21
N SER B 359 2.98 3.23 12.76
CA SER B 359 2.52 2.96 14.13
C SER B 359 1.00 3.05 14.24
N PRO B 360 0.29 2.13 13.60
CA PRO B 360 -1.12 1.98 13.93
C PRO B 360 -1.28 1.48 15.35
N MET B 361 -2.53 1.45 15.81
CA MET B 361 -2.85 0.66 16.98
C MET B 361 -2.31 -0.76 16.78
N ALA B 362 -1.85 -1.37 17.88
CA ALA B 362 -1.24 -2.71 17.86
C ALA B 362 -0.08 -2.83 16.86
N ALA B 363 0.56 -1.71 16.50
CA ALA B 363 1.75 -1.78 15.68
C ALA B 363 2.73 -2.77 16.28
N ASN B 364 3.32 -3.65 15.45
CA ASN B 364 4.13 -4.70 16.03
C ASN B 364 5.23 -5.17 15.08
N LEU B 365 6.29 -5.69 15.67
CA LEU B 365 7.43 -6.26 14.96
C LEU B 365 7.69 -7.63 15.53
N GLN B 366 7.89 -8.61 14.67
CA GLN B 366 8.11 -9.96 15.14
C GLN B 366 9.27 -10.57 14.37
N TRP B 367 10.13 -11.32 15.08
CA TRP B 367 11.15 -12.14 14.45
C TRP B 367 10.85 -13.61 14.70
N ASP B 368 10.87 -14.42 13.64
CA ASP B 368 10.82 -15.87 13.78
C ASP B 368 12.20 -16.44 13.51
N ILE B 369 12.66 -17.33 14.39
CA ILE B 369 14.00 -17.88 14.32
C ILE B 369 13.91 -19.36 13.98
N TYR B 370 14.72 -19.80 13.02
CA TYR B 370 14.71 -21.17 12.53
C TYR B 370 16.11 -21.75 12.65
N ARG B 371 16.17 -23.07 12.80
CA ARG B 371 17.45 -23.75 13.00
C ARG B 371 17.62 -24.86 11.99
N ASN B 372 18.84 -24.96 11.45
CA ASN B 372 19.27 -26.14 10.68
C ASN B 372 20.72 -26.38 11.09
N GLY B 373 20.93 -27.43 11.87
CA GLY B 373 22.27 -27.69 12.37
C GLY B 373 22.69 -26.56 13.28
N THR B 374 23.79 -25.91 12.93
CA THR B 374 24.32 -24.78 13.70
C THR B 374 24.04 -23.45 13.01
N THR B 375 23.18 -23.44 11.99
CA THR B 375 22.83 -22.23 11.26
C THR B 375 21.45 -21.76 11.71
N TYR B 376 21.34 -20.47 12.02
CA TYR B 376 20.08 -19.86 12.46
C TYR B 376 19.63 -18.78 11.50
N LEU B 377 18.37 -18.88 11.05
CA LEU B 377 17.77 -17.90 10.16
C LEU B 377 16.72 -17.07 10.89
N VAL B 378 16.59 -15.80 10.48
CA VAL B 378 15.57 -14.89 10.99
C VAL B 378 14.64 -14.49 9.85
N ARG B 379 13.34 -14.51 10.12
CA ARG B 379 12.30 -13.97 9.26
C ARG B 379 11.59 -12.88 10.04
N MET B 380 11.49 -11.68 9.46
CA MET B 380 10.92 -10.53 10.15
C MET B 380 9.55 -10.16 9.56
N LEU B 381 8.59 -9.91 10.46
CA LEU B 381 7.24 -9.48 10.11
C LEU B 381 6.99 -8.11 10.72
N TYR B 382 6.39 -7.21 9.95
CA TYR B 382 6.12 -5.85 10.39
C TYR B 382 4.68 -5.53 10.06
N GLN B 383 3.87 -5.27 11.08
CA GLN B 383 2.42 -5.29 10.94
C GLN B 383 1.99 -6.57 10.22
N GLU B 384 2.74 -7.64 10.46
CA GLU B 384 2.49 -8.98 9.93
C GLU B 384 2.64 -9.07 8.42
N LYS B 385 3.30 -8.09 7.83
CA LYS B 385 3.83 -8.22 6.48
C LYS B 385 5.26 -8.75 6.58
N GLU B 386 5.56 -9.81 5.83
CA GLU B 386 6.93 -10.33 5.76
C GLU B 386 7.79 -9.34 4.97
N ILE B 387 8.83 -8.81 5.60
CA ILE B 387 9.60 -7.73 4.97
C ILE B 387 11.09 -8.06 4.93
N PRO B 388 11.81 -7.56 3.93
CA PRO B 388 13.27 -7.65 3.96
C PRO B 388 13.82 -6.77 5.07
N PHE B 389 15.04 -7.09 5.47
CA PHE B 389 15.83 -6.15 6.25
C PHE B 389 16.42 -5.06 5.34
N LYS B 390 16.99 -4.03 5.97
CA LYS B 390 17.60 -2.94 5.21
C LYS B 390 18.58 -3.47 4.17
N PRO B 391 18.82 -2.74 3.07
CA PRO B 391 19.41 -3.37 1.88
C PRO B 391 20.87 -3.80 2.04
N ASP B 392 21.60 -3.34 3.07
CA ASP B 392 22.95 -3.83 3.19
C ASP B 392 23.02 -5.17 3.92
N CYS B 393 21.87 -5.74 4.28
CA CYS B 393 21.80 -7.10 4.84
C CYS B 393 21.53 -8.10 3.72
N THR B 394 22.39 -9.12 3.62
CA THR B 394 22.30 -10.09 2.54
C THR B 394 21.34 -11.23 2.88
N PRO B 395 20.29 -11.45 2.08
CA PRO B 395 19.36 -12.54 2.38
C PRO B 395 20.03 -13.89 2.21
N PHE B 396 19.37 -14.92 2.76
CA PHE B 396 19.92 -16.26 2.74
C PHE B 396 20.17 -16.73 1.30
N THR B 397 19.22 -16.45 0.42
CA THR B 397 19.29 -16.80 -0.99
C THR B 397 18.66 -15.66 -1.77
N PRO B 398 18.92 -15.57 -3.07
CA PRO B 398 18.28 -14.52 -3.87
C PRO B 398 16.76 -14.57 -3.70
N GLY B 399 16.17 -13.42 -3.40
CA GLY B 399 14.73 -13.27 -3.24
C GLY B 399 14.19 -13.72 -1.90
N SER B 400 15.02 -14.25 -1.02
CA SER B 400 14.54 -14.79 0.23
C SER B 400 14.24 -13.67 1.25
N HIS B 401 13.27 -13.93 2.12
CA HIS B 401 13.03 -13.06 3.26
C HIS B 401 13.67 -13.60 4.54
N TYR B 402 14.49 -14.65 4.42
CA TYR B 402 15.21 -15.26 5.54
C TYR B 402 16.65 -14.77 5.50
N TYR B 403 17.20 -14.50 6.69
CA TYR B 403 18.54 -13.96 6.84
C TYR B 403 19.25 -14.75 7.93
N ARG B 404 20.53 -15.08 7.68
CA ARG B 404 21.35 -15.69 8.72
C ARG B 404 21.52 -14.75 9.90
N LEU B 405 21.40 -15.30 11.10
CA LEU B 405 21.54 -14.46 12.28
C LEU B 405 22.90 -13.79 12.32
N ASP B 406 23.95 -14.51 11.92
CA ASP B 406 25.26 -13.89 11.97
C ASP B 406 25.40 -12.78 10.92
N GLU B 407 24.73 -12.92 9.77
CA GLU B 407 24.73 -11.83 8.80
C GLU B 407 24.00 -10.61 9.34
N LEU B 408 22.87 -10.83 10.03
CA LEU B 408 22.17 -9.71 10.61
C LEU B 408 23.05 -8.95 11.58
N SER B 409 23.83 -9.67 12.39
CA SER B 409 24.72 -8.99 13.33
C SER B 409 25.78 -8.19 12.59
N ARG B 410 26.35 -8.75 11.53
CA ARG B 410 27.28 -7.97 10.73
C ARG B 410 26.64 -6.71 10.17
N CYS B 411 25.53 -6.85 9.45
CA CYS B 411 24.97 -5.67 8.78
C CYS B 411 24.37 -4.66 9.74
N PHE B 412 24.12 -5.02 10.99
CA PHE B 412 23.74 -4.03 12.00
C PHE B 412 24.91 -3.59 12.85
N GLY B 413 26.12 -4.10 12.58
CA GLY B 413 27.31 -3.62 13.25
C GLY B 413 27.54 -4.18 14.64
N ARG B 414 27.21 -5.44 14.86
CA ARG B 414 27.47 -6.08 16.15
C ARG B 414 28.62 -7.08 16.07
#